data_7HIL
#
_entry.id   7HIL
#
_cell.length_a   87.500
_cell.length_b   87.500
_cell.length_c   85.820
_cell.angle_alpha   90.00
_cell.angle_beta   90.00
_cell.angle_gamma   120.00
#
_symmetry.space_group_name_H-M   'P 31'
#
loop_
_entity.id
_entity.type
_entity.pdbx_description
1 polymer 'Non-structural protein 3'
2 non-polymer 'DIMETHYL SULFOXIDE'
3 non-polymer 2-AMINO-2-HYDROXYMETHYL-PROPANE-1,3-DIOL
4 non-polymer 'CHLORIDE ION'
5 non-polymer 1-ethyl-N-methyl-6-oxo-N-[(1,3-thiazol-2-yl)methyl]-1,6-dihydropyridazine-3-carboxamide
6 water water
#
_entity_poly.entity_id   1
_entity_poly.type   'polypeptide(L)'
_entity_poly.pdbx_seq_one_letter_code
;GAMAPSYRVKRMDIAKNDEECVVNAANPRGLPGDGVCKAVYKKWPESFKNSATPVGTAKTVMCGTYPVIHAVGPNFSNYT
ESEGDRELAAAYREVAKEVTRLGVNSVAIPLLSTGVYSGGKDRLTQSLNHLFTAMDSTDADVVIYCRDKEWEKKISEAIQ
MRT
;
_entity_poly.pdbx_strand_id   A,B,C,D
#
loop_
_chem_comp.id
_chem_comp.type
_chem_comp.name
_chem_comp.formula
A1BCF non-polymer 1-ethyl-N-methyl-6-oxo-N-[(1,3-thiazol-2-yl)methyl]-1,6-dihydropyridazine-3-carboxamide 'C12 H14 N4 O2 S'
CL non-polymer 'CHLORIDE ION' 'Cl -1'
DMS non-polymer 'DIMETHYL SULFOXIDE' 'C2 H6 O S'
TRS non-polymer 2-AMINO-2-HYDROXYMETHYL-PROPANE-1,3-DIOL 'C4 H12 N O3 1'
#
# COMPACT_ATOMS: atom_id res chain seq x y z
N GLY A 1 15.44 18.61 3.26
CA GLY A 1 14.91 19.23 4.47
C GLY A 1 13.72 20.12 4.23
N ALA A 2 12.99 20.45 5.31
CA ALA A 2 11.84 21.33 5.18
C ALA A 2 12.26 22.76 4.93
N MET A 3 11.45 23.54 4.18
CA MET A 3 11.72 24.95 3.87
C MET A 3 11.97 25.84 5.11
N ALA A 4 11.16 25.68 6.15
CA ALA A 4 11.30 26.44 7.39
C ALA A 4 11.03 25.41 8.48
N PRO A 5 12.03 24.58 8.83
CA PRO A 5 11.80 23.51 9.82
C PRO A 5 11.02 23.93 11.07
N SER A 6 9.95 23.17 11.39
CA SER A 6 9.05 23.52 12.49
C SER A 6 8.77 22.37 13.45
N TYR A 7 8.16 22.69 14.62
CA TYR A 7 7.61 21.71 15.57
C TYR A 7 6.10 21.98 15.64
N ARG A 8 5.31 20.90 15.66
CA ARG A 8 3.86 21.00 15.81
C ARG A 8 3.42 19.86 16.72
N VAL A 9 2.22 19.98 17.31
CA VAL A 9 1.70 18.91 18.15
C VAL A 9 0.27 18.59 17.70
N LYS A 10 -0.09 17.30 17.66
CA LYS A 10 -1.46 16.87 17.31
C LYS A 10 -1.96 15.86 18.32
N ARG A 11 -3.23 15.93 18.69
CA ARG A 11 -3.83 14.99 19.63
C ARG A 11 -4.64 13.98 18.81
N MET A 12 -3.95 12.89 18.42
CA MET A 12 -4.58 11.85 17.61
C MET A 12 -3.66 10.62 17.54
N ASP A 13 -4.18 9.53 16.99
CA ASP A 13 -3.43 8.27 16.83
C ASP A 13 -2.27 8.47 15.83
N ILE A 14 -1.03 8.24 16.29
CA ILE A 14 0.19 8.36 15.44
C ILE A 14 0.15 7.40 14.22
N ALA A 15 -0.65 6.32 14.29
CA ALA A 15 -0.81 5.42 13.14
C ALA A 15 -1.57 6.08 11.95
N LYS A 16 -2.17 7.27 12.17
CA LYS A 16 -2.84 8.04 11.14
C LYS A 16 -2.05 9.31 10.79
N ASN A 17 -0.72 9.33 11.06
CA ASN A 17 0.09 10.52 10.79
C ASN A 17 0.15 10.91 9.31
N ASP A 18 0.47 12.17 9.04
CA ASP A 18 0.60 12.74 7.70
C ASP A 18 2.07 13.11 7.42
N GLU A 19 3.01 12.35 8.00
CA GLU A 19 4.44 12.60 7.85
C GLU A 19 5.17 11.53 7.01
N GLU A 20 6.43 11.80 6.59
CA GLU A 20 7.17 10.88 5.72
C GLU A 20 7.74 9.63 6.43
N CYS A 21 7.71 9.61 7.77
CA CYS A 21 8.16 8.46 8.55
C CYS A 21 7.60 8.56 9.97
N VAL A 22 7.65 7.44 10.71
CA VAL A 22 7.11 7.41 12.06
C VAL A 22 8.14 6.86 13.03
N VAL A 23 8.10 7.35 14.27
CA VAL A 23 8.91 6.78 15.35
C VAL A 23 7.97 5.94 16.22
N ASN A 24 8.31 4.67 16.39
CA ASN A 24 7.55 3.79 17.27
C ASN A 24 8.17 3.86 18.69
N ALA A 25 7.32 3.90 19.74
CA ALA A 25 7.81 3.84 21.12
C ALA A 25 7.87 2.32 21.38
N ALA A 26 8.99 1.72 20.98
CA ALA A 26 9.20 0.29 20.93
C ALA A 26 9.65 -0.37 22.26
N ASN A 27 9.47 -1.70 22.34
CA ASN A 27 10.07 -2.44 23.45
C ASN A 27 11.37 -3.04 22.86
N PRO A 28 12.33 -3.43 23.71
CA PRO A 28 13.61 -3.96 23.17
C PRO A 28 13.53 -5.26 22.38
N ARG A 29 12.44 -6.01 22.54
CA ARG A 29 12.33 -7.34 21.91
C ARG A 29 11.58 -7.38 20.59
N GLY A 30 11.14 -6.22 20.09
CA GLY A 30 10.39 -6.19 18.82
C GLY A 30 9.01 -6.81 18.91
N LEU A 31 8.43 -6.87 20.14
CA LEU A 31 7.12 -7.47 20.31
C LEU A 31 6.00 -6.44 20.01
N PRO A 32 4.78 -6.90 19.67
CA PRO A 32 3.67 -5.96 19.43
C PRO A 32 3.36 -4.98 20.56
N GLY A 33 3.52 -5.42 21.80
CA GLY A 33 3.35 -4.53 22.95
C GLY A 33 1.98 -3.94 23.20
N ASP A 34 1.94 -2.71 23.77
CA ASP A 34 0.70 -1.99 24.09
C ASP A 34 0.80 -0.49 23.70
N GLY A 35 -0.32 0.24 23.79
CA GLY A 35 -0.36 1.67 23.50
C GLY A 35 0.10 2.01 22.10
N VAL A 36 1.03 2.99 21.97
CA VAL A 36 1.57 3.40 20.64
C VAL A 36 2.13 2.17 19.88
N CYS A 37 2.89 1.34 20.58
CA CYS A 37 3.52 0.18 19.96
C CYS A 37 2.50 -0.78 19.29
N LYS A 38 1.36 -1.03 19.96
CA LYS A 38 0.33 -1.92 19.38
C LYS A 38 -0.34 -1.28 18.15
N ALA A 39 -0.56 0.04 18.20
CA ALA A 39 -1.17 0.73 17.05
C ALA A 39 -0.23 0.68 15.85
N VAL A 40 1.07 0.86 16.10
CA VAL A 40 2.11 0.82 15.07
C VAL A 40 2.16 -0.61 14.51
N TYR A 41 2.07 -1.63 15.38
CA TYR A 41 2.07 -3.02 14.92
C TYR A 41 0.88 -3.32 14.01
N LYS A 42 -0.30 -2.80 14.34
CA LYS A 42 -1.49 -3.05 13.51
C LYS A 42 -1.41 -2.35 12.14
N LYS A 43 -0.77 -1.18 12.10
CA LYS A 43 -0.67 -0.38 10.86
C LYS A 43 0.50 -0.82 9.97
N TRP A 44 1.67 -1.13 10.57
CA TRP A 44 2.87 -1.48 9.82
C TRP A 44 3.50 -2.79 10.37
N PRO A 45 2.78 -3.93 10.33
CA PRO A 45 3.33 -5.15 10.95
C PRO A 45 4.62 -5.65 10.33
N GLU A 46 4.80 -5.41 9.00
CA GLU A 46 6.02 -5.81 8.27
C GLU A 46 7.28 -5.15 8.84
N SER A 47 7.11 -3.96 9.47
CA SER A 47 8.24 -3.25 10.04
C SER A 47 8.79 -3.92 11.31
N PHE A 48 8.12 -4.96 11.84
CA PHE A 48 8.59 -5.63 13.04
C PHE A 48 9.52 -6.82 12.75
N LYS A 49 9.91 -7.04 11.49
CA LYS A 49 10.87 -8.09 11.15
C LYS A 49 12.26 -7.65 11.62
N ASN A 50 12.87 -8.38 12.56
CA ASN A 50 14.20 -8.04 13.09
C ASN A 50 14.28 -6.60 13.61
N SER A 51 13.23 -6.16 14.33
CA SER A 51 13.24 -4.80 14.89
C SER A 51 13.78 -4.75 16.34
N ALA A 52 14.08 -5.90 16.96
CA ALA A 52 14.62 -5.92 18.34
C ALA A 52 15.94 -5.12 18.40
N THR A 53 16.09 -4.30 19.45
CA THR A 53 17.26 -3.41 19.60
C THR A 53 17.36 -3.00 21.09
N PRO A 54 18.57 -2.72 21.59
CA PRO A 54 18.70 -2.41 23.02
C PRO A 54 18.07 -1.09 23.46
N VAL A 55 17.89 -0.93 24.79
CA VAL A 55 17.41 0.32 25.36
C VAL A 55 18.41 1.44 25.01
N GLY A 56 17.88 2.63 24.70
CA GLY A 56 18.75 3.76 24.37
C GLY A 56 19.14 3.84 22.90
N THR A 57 18.60 2.94 22.08
CA THR A 57 18.94 2.90 20.64
C THR A 57 17.69 3.00 19.77
N ALA A 58 17.90 3.18 18.44
CA ALA A 58 16.80 3.20 17.49
C ALA A 58 17.20 2.33 16.30
N LYS A 59 16.25 1.59 15.74
CA LYS A 59 16.50 0.73 14.59
C LYS A 59 15.38 0.92 13.59
N THR A 60 15.72 1.25 12.33
CA THR A 60 14.69 1.50 11.31
C THR A 60 14.45 0.26 10.47
N VAL A 61 13.17 -0.04 10.23
CA VAL A 61 12.76 -1.13 9.35
C VAL A 61 11.69 -0.58 8.41
N MET A 62 11.84 -0.84 7.09
N MET A 62 11.86 -0.80 7.09
CA MET A 62 10.90 -0.34 6.08
CA MET A 62 10.87 -0.28 6.15
C MET A 62 9.63 -1.18 6.00
C MET A 62 9.61 -1.14 6.15
N CYS A 63 8.47 -0.52 5.88
CA CYS A 63 7.20 -1.23 5.62
C CYS A 63 6.90 -0.70 4.19
N GLY A 64 7.24 -1.49 3.15
CA GLY A 64 7.16 -0.99 1.77
C GLY A 64 8.30 0.00 1.61
N THR A 65 8.02 1.26 1.29
CA THR A 65 9.04 2.32 1.30
C THR A 65 8.85 3.27 2.52
N TYR A 66 7.91 2.99 3.42
CA TYR A 66 7.64 3.87 4.57
C TYR A 66 8.52 3.47 5.75
N PRO A 67 9.40 4.36 6.23
CA PRO A 67 10.29 3.98 7.34
C PRO A 67 9.65 4.04 8.72
N VAL A 68 9.82 2.95 9.50
CA VAL A 68 9.38 2.90 10.90
C VAL A 68 10.65 2.87 11.75
N ILE A 69 10.89 3.92 12.55
CA ILE A 69 12.08 4.01 13.39
C ILE A 69 11.69 3.50 14.79
N HIS A 70 12.14 2.30 15.17
CA HIS A 70 11.79 1.72 16.48
C HIS A 70 12.76 2.27 17.52
N ALA A 71 12.28 3.17 18.38
CA ALA A 71 13.12 3.83 19.40
C ALA A 71 12.79 3.25 20.75
N VAL A 72 13.81 2.75 21.46
CA VAL A 72 13.56 2.07 22.74
C VAL A 72 13.95 2.94 23.93
N GLY A 73 12.96 3.56 24.54
CA GLY A 73 13.18 4.35 25.75
C GLY A 73 13.26 3.43 26.95
N PRO A 74 13.85 3.90 28.06
CA PRO A 74 13.94 3.04 29.26
C PRO A 74 12.60 2.90 29.99
N ASN A 75 12.44 1.75 30.69
CA ASN A 75 11.28 1.57 31.55
C ASN A 75 11.75 2.04 32.95
N PHE A 76 11.22 3.19 33.42
CA PHE A 76 11.60 3.77 34.71
C PHE A 76 11.19 2.91 35.90
N SER A 77 10.40 1.84 35.70
CA SER A 77 10.15 0.90 36.81
C SER A 77 11.46 0.11 37.10
N ASN A 78 12.34 -0.07 36.08
CA ASN A 78 13.56 -0.86 36.21
C ASN A 78 14.83 -0.04 36.36
N TYR A 79 14.89 1.12 35.69
CA TYR A 79 16.09 1.97 35.77
C TYR A 79 15.98 2.95 36.93
N THR A 80 17.13 3.42 37.45
CA THR A 80 17.14 4.50 38.43
C THR A 80 16.80 5.81 37.66
N GLU A 81 16.45 6.90 38.39
CA GLU A 81 16.20 8.17 37.72
C GLU A 81 17.42 8.65 36.91
N SER A 82 18.61 8.53 37.49
CA SER A 82 19.83 8.95 36.81
C SER A 82 20.11 8.14 35.52
N GLU A 83 20.11 6.81 35.62
CA GLU A 83 20.44 5.97 34.45
C GLU A 83 19.33 6.01 33.40
N GLY A 84 18.08 6.08 33.86
CA GLY A 84 16.93 6.21 32.97
C GLY A 84 16.98 7.50 32.18
N ASP A 85 17.39 8.62 32.84
CA ASP A 85 17.49 9.91 32.16
C ASP A 85 18.51 9.85 31.04
N ARG A 86 19.64 9.18 31.30
CA ARG A 86 20.71 9.03 30.33
C ARG A 86 20.25 8.19 29.11
N GLU A 87 19.53 7.08 29.34
CA GLU A 87 19.06 6.23 28.23
C GLU A 87 17.94 6.91 27.41
N LEU A 88 17.12 7.73 28.07
CA LEU A 88 16.04 8.43 27.38
C LEU A 88 16.63 9.48 26.43
N ALA A 89 17.62 10.24 26.91
CA ALA A 89 18.29 11.21 26.05
C ALA A 89 19.00 10.50 24.87
N ALA A 90 19.62 9.32 25.13
CA ALA A 90 20.31 8.55 24.10
C ALA A 90 19.36 8.03 23.02
N ALA A 91 18.18 7.51 23.41
CA ALA A 91 17.19 7.03 22.42
C ALA A 91 16.81 8.17 21.44
N TYR A 92 16.57 9.39 21.96
CA TYR A 92 16.27 10.51 21.08
C TYR A 92 17.43 10.89 20.16
N ARG A 93 18.70 10.89 20.67
CA ARG A 93 19.86 11.19 19.82
C ARG A 93 19.94 10.17 18.64
N GLU A 94 19.61 8.91 18.90
CA GLU A 94 19.63 7.88 17.84
C GLU A 94 18.49 8.10 16.83
N VAL A 95 17.33 8.62 17.27
CA VAL A 95 16.22 8.96 16.37
C VAL A 95 16.69 10.08 15.45
N ALA A 96 17.38 11.10 15.99
CA ALA A 96 17.86 12.22 15.14
C ALA A 96 18.82 11.72 14.05
N LYS A 97 19.73 10.76 14.40
CA LYS A 97 20.66 10.22 13.41
C LYS A 97 19.88 9.49 12.30
N GLU A 98 18.87 8.68 12.68
CA GLU A 98 18.08 7.94 11.70
C GLU A 98 17.28 8.82 10.79
N VAL A 99 16.64 9.85 11.37
CA VAL A 99 15.86 10.82 10.56
C VAL A 99 16.79 11.49 9.54
N THR A 100 18.00 11.88 9.98
CA THR A 100 18.96 12.51 9.07
C THR A 100 19.39 11.54 7.94
N ARG A 101 19.77 10.33 8.32
CA ARG A 101 20.21 9.32 7.35
C ARG A 101 19.14 9.03 6.28
N LEU A 102 17.87 8.99 6.68
CA LEU A 102 16.75 8.70 5.78
C LEU A 102 16.47 9.81 4.78
N GLY A 103 16.87 11.05 5.10
CA GLY A 103 16.66 12.19 4.20
C GLY A 103 15.22 12.68 4.14
N VAL A 104 14.39 12.26 5.09
CA VAL A 104 12.97 12.65 5.11
C VAL A 104 12.80 14.15 5.43
N ASN A 105 11.71 14.74 4.94
CA ASN A 105 11.37 16.13 5.19
C ASN A 105 10.47 16.30 6.44
N SER A 106 9.93 15.19 6.98
CA SER A 106 9.05 15.26 8.15
C SER A 106 9.04 13.92 8.90
N VAL A 107 8.73 13.96 10.20
CA VAL A 107 8.70 12.77 11.05
C VAL A 107 7.61 12.93 12.10
N ALA A 108 6.87 11.85 12.37
CA ALA A 108 5.84 11.78 13.41
C ALA A 108 6.51 11.12 14.64
N ILE A 109 6.44 11.76 15.82
N ILE A 109 6.47 11.77 15.81
CA ILE A 109 7.12 11.21 17.00
CA ILE A 109 7.15 11.22 17.00
C ILE A 109 6.25 11.23 18.27
C ILE A 109 6.27 11.23 18.26
N PRO A 110 6.27 10.13 19.05
CA PRO A 110 5.56 10.17 20.36
C PRO A 110 6.56 10.60 21.49
N LEU A 111 6.06 10.88 22.72
CA LEU A 111 6.98 11.22 23.83
C LEU A 111 7.38 9.90 24.49
N LEU A 112 8.63 9.48 24.24
CA LEU A 112 9.16 8.23 24.78
C LEU A 112 9.16 8.22 26.30
N SER A 113 8.91 7.02 26.86
CA SER A 113 8.90 6.75 28.30
C SER A 113 7.85 7.56 29.12
N THR A 114 6.76 8.00 28.47
CA THR A 114 5.71 8.75 29.20
C THR A 114 4.46 7.92 29.52
N GLY A 115 4.37 6.72 28.97
CA GLY A 115 3.21 5.86 29.18
C GLY A 115 3.51 4.75 30.18
N VAL A 116 3.41 3.47 29.72
CA VAL A 116 3.67 2.34 30.62
C VAL A 116 5.13 2.26 31.09
N TYR A 117 6.06 2.96 30.41
CA TYR A 117 7.47 2.97 30.85
C TYR A 117 7.78 4.17 31.78
N SER A 118 6.77 4.95 32.20
CA SER A 118 7.00 6.14 33.02
C SER A 118 7.32 5.86 34.50
N GLY A 119 7.10 4.63 34.95
CA GLY A 119 7.29 4.32 36.36
C GLY A 119 6.31 5.07 37.26
N GLY A 120 5.13 5.42 36.71
CA GLY A 120 4.06 6.11 37.42
C GLY A 120 4.27 7.60 37.65
N LYS A 121 5.17 8.21 36.89
CA LYS A 121 5.49 9.63 37.06
C LYS A 121 5.17 10.43 35.81
N ASP A 122 4.81 11.71 35.99
CA ASP A 122 4.56 12.60 34.84
C ASP A 122 5.90 13.01 34.30
N ARG A 123 6.23 12.59 33.06
CA ARG A 123 7.52 12.85 32.42
C ARG A 123 7.38 13.67 31.14
N LEU A 124 6.30 14.46 31.00
CA LEU A 124 6.10 15.29 29.80
C LEU A 124 7.31 16.20 29.56
N THR A 125 7.68 17.02 30.55
CA THR A 125 8.76 17.99 30.38
C THR A 125 10.09 17.31 30.15
N GLN A 126 10.38 16.27 30.94
CA GLN A 126 11.64 15.52 30.80
C GLN A 126 11.78 14.94 29.39
N SER A 127 10.74 14.23 28.92
CA SER A 127 10.81 13.57 27.60
C SER A 127 10.85 14.60 26.47
N LEU A 128 10.02 15.63 26.55
CA LEU A 128 9.98 16.67 25.51
C LEU A 128 11.29 17.42 25.41
N ASN A 129 11.92 17.73 26.55
CA ASN A 129 13.20 18.44 26.52
C ASN A 129 14.29 17.58 25.86
N HIS A 130 14.31 16.26 26.12
CA HIS A 130 15.30 15.38 25.45
C HIS A 130 15.00 15.31 23.94
N LEU A 131 13.71 15.34 23.57
CA LEU A 131 13.30 15.34 22.16
C LEU A 131 13.88 16.61 21.47
N PHE A 132 13.68 17.78 22.09
CA PHE A 132 14.20 19.04 21.52
C PHE A 132 15.71 19.00 21.41
N THR A 133 16.42 18.54 22.45
CA THR A 133 17.91 18.53 22.41
C THR A 133 18.44 17.73 21.20
N ALA A 134 17.78 16.60 20.91
CA ALA A 134 18.21 15.77 19.79
C ALA A 134 17.75 16.33 18.43
N MET A 135 16.47 16.79 18.33
CA MET A 135 15.92 17.17 17.03
C MET A 135 16.20 18.61 16.59
N ASP A 136 16.65 19.47 17.50
CA ASP A 136 16.86 20.90 17.15
C ASP A 136 17.85 21.08 16.01
N SER A 137 18.86 20.21 15.92
CA SER A 137 19.87 20.33 14.86
C SER A 137 19.47 19.66 13.55
N THR A 138 18.28 19.01 13.49
CA THR A 138 17.80 18.41 12.23
C THR A 138 16.92 19.43 11.49
N ASP A 139 16.72 19.23 10.17
CA ASP A 139 15.87 20.16 9.41
C ASP A 139 14.53 19.54 8.98
N ALA A 140 14.14 18.40 9.58
CA ALA A 140 12.85 17.81 9.29
C ALA A 140 11.73 18.55 10.06
N ASP A 141 10.51 18.66 9.47
CA ASP A 141 9.36 19.13 10.21
C ASP A 141 9.02 18.03 11.23
N VAL A 142 8.91 18.37 12.52
CA VAL A 142 8.63 17.36 13.55
C VAL A 142 7.20 17.54 14.02
N VAL A 143 6.43 16.47 14.02
CA VAL A 143 5.04 16.53 14.52
C VAL A 143 4.94 15.56 15.67
N ILE A 144 4.69 16.09 16.88
CA ILE A 144 4.60 15.31 18.11
C ILE A 144 3.16 14.86 18.29
N TYR A 145 2.96 13.57 18.60
CA TYR A 145 1.60 13.04 18.77
C TYR A 145 1.34 12.71 20.22
N CYS A 146 0.15 13.07 20.73
CA CYS A 146 -0.23 12.76 22.11
C CYS A 146 -1.72 12.36 22.14
N ARG A 147 -2.25 11.89 23.30
CA ARG A 147 -3.66 11.51 23.35
C ARG A 147 -4.51 12.33 24.35
N ASP A 148 -3.85 13.00 25.31
CA ASP A 148 -4.51 13.77 26.36
C ASP A 148 -4.65 15.25 26.04
N LYS A 149 -5.83 15.84 26.31
CA LYS A 149 -6.07 17.26 26.04
C LYS A 149 -5.16 18.24 26.80
N GLU A 150 -4.93 17.97 28.09
CA GLU A 150 -4.04 18.82 28.89
C GLU A 150 -2.58 18.69 28.42
N TRP A 151 -2.16 17.48 28.00
CA TRP A 151 -0.80 17.29 27.47
C TRP A 151 -0.65 18.05 26.15
N GLU A 152 -1.68 18.03 25.29
CA GLU A 152 -1.61 18.77 24.01
C GLU A 152 -1.38 20.29 24.27
N LYS A 153 -2.10 20.85 25.25
CA LYS A 153 -1.95 22.27 25.61
C LYS A 153 -0.53 22.56 26.15
N LYS A 154 -0.02 21.71 27.05
CA LYS A 154 1.34 21.88 27.61
C LYS A 154 2.45 21.74 26.59
N ILE A 155 2.33 20.78 25.67
CA ILE A 155 3.32 20.60 24.62
C ILE A 155 3.27 21.81 23.66
N SER A 156 2.06 22.26 23.31
CA SER A 156 1.90 23.41 22.43
C SER A 156 2.52 24.67 23.07
N GLU A 157 2.30 24.88 24.38
CA GLU A 157 2.86 26.02 25.10
C GLU A 157 4.40 25.96 25.10
N ALA A 158 4.98 24.76 25.31
CA ALA A 158 6.43 24.59 25.31
C ALA A 158 7.03 24.90 23.94
N ILE A 159 6.36 24.50 22.86
CA ILE A 159 6.85 24.82 21.51
C ILE A 159 6.80 26.33 21.28
N GLN A 160 5.65 26.96 21.61
CA GLN A 160 5.48 28.40 21.38
C GLN A 160 6.41 29.26 22.19
N MET A 161 6.76 28.84 23.42
CA MET A 161 7.68 29.60 24.29
C MET A 161 9.02 29.87 23.63
N ARG A 162 9.49 28.92 22.80
CA ARG A 162 10.79 29.02 22.12
C ARG A 162 10.78 29.88 20.85
N THR A 163 9.59 30.15 20.28
CA THR A 163 9.51 30.91 19.02
C THR A 163 9.37 32.42 19.22
N GLY B 1 -13.93 30.54 -8.43
CA GLY B 1 -15.00 29.67 -8.88
C GLY B 1 -14.62 28.85 -10.10
N ALA B 2 -15.39 27.79 -10.39
CA ALA B 2 -15.10 26.94 -11.54
C ALA B 2 -15.47 27.65 -12.84
N MET B 3 -14.75 27.38 -13.95
CA MET B 3 -15.03 28.05 -15.23
C MET B 3 -16.44 27.80 -15.78
N ALA B 4 -16.96 26.59 -15.63
CA ALA B 4 -18.32 26.27 -16.05
C ALA B 4 -18.89 25.44 -14.89
N PRO B 5 -19.36 26.10 -13.81
CA PRO B 5 -19.84 25.34 -12.63
C PRO B 5 -20.75 24.17 -12.95
N SER B 6 -20.44 22.99 -12.40
CA SER B 6 -21.20 21.78 -12.70
C SER B 6 -21.58 20.99 -11.46
N TYR B 7 -22.49 19.99 -11.64
CA TYR B 7 -22.83 18.95 -10.67
C TYR B 7 -22.40 17.61 -11.30
N ARG B 8 -21.80 16.75 -10.49
CA ARG B 8 -21.41 15.41 -10.90
C ARG B 8 -21.71 14.46 -9.77
N VAL B 9 -21.83 13.14 -10.07
CA VAL B 9 -22.05 12.16 -8.99
C VAL B 9 -20.95 11.07 -9.06
N LYS B 10 -20.40 10.65 -7.89
CA LYS B 10 -19.39 9.60 -7.83
C LYS B 10 -19.81 8.56 -6.82
N ARG B 11 -19.85 7.29 -7.23
CA ARG B 11 -20.25 6.22 -6.33
C ARG B 11 -19.00 5.59 -5.73
N MET B 12 -18.55 6.12 -4.59
CA MET B 12 -17.32 5.70 -3.91
C MET B 12 -17.25 6.36 -2.51
N ASP B 13 -16.24 6.00 -1.72
CA ASP B 13 -16.02 6.55 -0.38
C ASP B 13 -15.59 8.02 -0.50
N ILE B 14 -16.40 8.93 0.11
CA ILE B 14 -16.11 10.37 0.07
C ILE B 14 -14.78 10.72 0.75
N ALA B 15 -14.25 9.86 1.66
CA ALA B 15 -12.92 10.10 2.24
C ALA B 15 -11.79 10.07 1.18
N LYS B 16 -12.05 9.43 0.02
CA LYS B 16 -11.08 9.37 -1.08
C LYS B 16 -11.37 10.39 -2.19
N ASN B 17 -12.09 11.48 -1.88
CA ASN B 17 -12.42 12.49 -2.88
C ASN B 17 -11.21 13.23 -3.45
N ASP B 18 -11.34 13.76 -4.68
CA ASP B 18 -10.28 14.57 -5.31
C ASP B 18 -10.69 16.07 -5.37
N GLU B 19 -11.64 16.52 -4.50
CA GLU B 19 -12.11 17.90 -4.48
C GLU B 19 -11.30 18.78 -3.49
N GLU B 20 -11.49 20.11 -3.53
CA GLU B 20 -10.75 21.02 -2.67
C GLU B 20 -11.20 21.07 -1.21
N CYS B 21 -12.35 20.47 -0.90
CA CYS B 21 -12.86 20.39 0.46
C CYS B 21 -13.96 19.31 0.53
N VAL B 22 -14.29 18.88 1.75
CA VAL B 22 -15.28 17.84 1.94
C VAL B 22 -16.34 18.28 2.93
N VAL B 23 -17.59 17.81 2.73
CA VAL B 23 -18.67 18.03 3.67
C VAL B 23 -18.86 16.71 4.42
N ASN B 24 -18.77 16.76 5.74
CA ASN B 24 -19.00 15.58 6.57
C ASN B 24 -20.51 15.57 6.98
N ALA B 25 -21.15 14.40 6.97
CA ALA B 25 -22.53 14.27 7.44
C ALA B 25 -22.34 14.01 8.94
N ALA B 26 -22.20 15.09 9.69
CA ALA B 26 -21.80 15.07 11.10
C ALA B 26 -22.92 14.85 12.13
N ASN B 27 -22.55 14.44 13.35
CA ASN B 27 -23.51 14.45 14.44
C ASN B 27 -23.24 15.77 15.23
N PRO B 28 -24.20 16.22 16.06
CA PRO B 28 -24.01 17.51 16.76
C PRO B 28 -22.89 17.54 17.79
N ARG B 29 -22.38 16.39 18.22
CA ARG B 29 -21.39 16.33 19.28
C ARG B 29 -19.95 16.14 18.83
N GLY B 30 -19.70 16.05 17.53
CA GLY B 30 -18.36 15.86 17.00
C GLY B 30 -17.80 14.48 17.30
N LEU B 31 -18.68 13.46 17.34
CA LEU B 31 -18.29 12.08 17.63
C LEU B 31 -18.01 11.32 16.32
N PRO B 32 -17.21 10.22 16.33
CA PRO B 32 -16.95 9.45 15.10
C PRO B 32 -18.18 9.00 14.30
N GLY B 33 -19.25 8.60 14.97
CA GLY B 33 -20.50 8.25 14.29
C GLY B 33 -20.51 7.05 13.35
N ASP B 34 -21.35 7.10 12.29
CA ASP B 34 -21.51 5.98 11.35
C ASP B 34 -21.49 6.44 9.88
N GLY B 35 -21.42 5.47 8.94
CA GLY B 35 -21.43 5.75 7.51
C GLY B 35 -20.36 6.74 7.08
N VAL B 36 -20.76 7.81 6.38
CA VAL B 36 -19.85 8.86 5.93
C VAL B 36 -19.02 9.43 7.09
N CYS B 37 -19.68 9.72 8.23
CA CYS B 37 -18.97 10.30 9.38
C CYS B 37 -17.81 9.43 9.87
N LYS B 38 -18.03 8.12 9.95
CA LYS B 38 -16.97 7.18 10.38
C LYS B 38 -15.81 7.17 9.38
N ALA B 39 -16.13 7.27 8.08
CA ALA B 39 -15.13 7.30 7.02
C ALA B 39 -14.31 8.58 7.10
N VAL B 40 -14.96 9.72 7.39
CA VAL B 40 -14.30 11.02 7.56
C VAL B 40 -13.44 11.00 8.83
N TYR B 41 -13.90 10.37 9.90
CA TYR B 41 -13.13 10.26 11.13
C TYR B 41 -11.87 9.42 10.95
N LYS B 42 -11.95 8.40 10.09
CA LYS B 42 -10.82 7.51 9.84
C LYS B 42 -9.67 8.28 9.16
N LYS B 43 -10.01 9.25 8.27
CA LYS B 43 -8.95 10.01 7.60
C LYS B 43 -8.55 11.32 8.30
N TRP B 44 -9.55 12.12 8.67
CA TRP B 44 -9.29 13.41 9.28
C TRP B 44 -9.73 13.49 10.74
N PRO B 45 -9.22 12.64 11.67
CA PRO B 45 -9.67 12.74 13.07
C PRO B 45 -9.39 14.10 13.68
N GLU B 46 -8.26 14.73 13.28
CA GLU B 46 -7.88 16.07 13.74
C GLU B 46 -8.94 17.12 13.35
N SER B 47 -9.72 16.86 12.28
CA SER B 47 -10.84 17.74 11.88
C SER B 47 -11.99 17.70 12.87
N PHE B 48 -12.01 16.74 13.80
CA PHE B 48 -13.07 16.67 14.80
C PHE B 48 -12.75 17.49 16.09
N LYS B 49 -11.59 18.21 16.12
CA LYS B 49 -11.26 19.03 17.27
C LYS B 49 -12.24 20.20 17.32
N ASN B 50 -13.05 20.28 18.39
CA ASN B 50 -14.06 21.33 18.56
C ASN B 50 -15.00 21.44 17.35
N SER B 51 -15.43 20.30 16.81
CA SER B 51 -16.34 20.33 15.64
C SER B 51 -17.84 20.30 16.07
N ALA B 52 -18.12 20.13 17.39
CA ALA B 52 -19.51 20.08 17.87
C ALA B 52 -20.27 21.39 17.47
N THR B 53 -21.48 21.22 16.90
CA THR B 53 -22.28 22.33 16.38
C THR B 53 -23.75 21.88 16.33
N PRO B 54 -24.71 22.81 16.50
CA PRO B 54 -26.11 22.39 16.55
C PRO B 54 -26.67 21.84 15.25
N VAL B 55 -27.79 21.12 15.35
CA VAL B 55 -28.54 20.64 14.17
C VAL B 55 -28.94 21.84 13.31
N GLY B 56 -28.81 21.69 11.99
CA GLY B 56 -29.16 22.75 11.05
C GLY B 56 -28.03 23.71 10.76
N THR B 57 -26.81 23.42 11.28
CA THR B 57 -25.65 24.31 11.10
C THR B 57 -24.47 23.57 10.48
N ALA B 58 -23.43 24.32 10.07
CA ALA B 58 -22.20 23.71 9.57
C ALA B 58 -21.02 24.44 10.25
N LYS B 59 -19.98 23.68 10.59
CA LYS B 59 -18.80 24.25 11.22
C LYS B 59 -17.59 23.67 10.50
N THR B 60 -16.70 24.53 10.00
CA THR B 60 -15.51 24.09 9.27
C THR B 60 -14.30 24.00 10.19
N VAL B 61 -13.56 22.89 10.11
CA VAL B 61 -12.33 22.73 10.86
C VAL B 61 -11.25 22.44 9.85
N MET B 62 -10.19 23.26 9.85
CA MET B 62 -9.09 23.13 8.94
C MET B 62 -8.10 22.12 9.43
N CYS B 63 -7.59 21.35 8.51
CA CYS B 63 -6.54 20.40 8.76
C CYS B 63 -5.46 20.83 7.84
N GLY B 64 -4.61 21.74 8.31
CA GLY B 64 -3.58 22.34 7.48
C GLY B 64 -4.29 23.29 6.53
N THR B 65 -4.28 23.00 5.22
CA THR B 65 -5.00 23.81 4.24
C THR B 65 -6.28 23.11 3.73
N TYR B 66 -6.60 21.89 4.19
CA TYR B 66 -7.77 21.17 3.70
C TYR B 66 -9.00 21.37 4.62
N PRO B 67 -10.05 22.02 4.12
CA PRO B 67 -11.25 22.24 4.93
C PRO B 67 -12.22 21.06 5.02
N VAL B 68 -12.67 20.73 6.24
CA VAL B 68 -13.69 19.69 6.47
C VAL B 68 -14.88 20.45 7.04
N ILE B 69 -16.00 20.51 6.28
CA ILE B 69 -17.20 21.24 6.68
C ILE B 69 -18.15 20.27 7.36
N HIS B 70 -18.25 20.31 8.69
CA HIS B 70 -19.12 19.40 9.42
C HIS B 70 -20.56 19.93 9.38
N ALA B 71 -21.44 19.29 8.60
CA ALA B 71 -22.82 19.75 8.43
C ALA B 71 -23.75 18.81 9.20
N VAL B 72 -24.56 19.36 10.10
CA VAL B 72 -25.41 18.53 10.96
C VAL B 72 -26.86 18.51 10.48
N GLY B 73 -27.23 17.45 9.80
CA GLY B 73 -28.61 17.26 9.39
C GLY B 73 -29.41 16.69 10.54
N PRO B 74 -30.74 16.82 10.50
CA PRO B 74 -31.56 16.31 11.60
C PRO B 74 -31.68 14.78 11.58
N ASN B 75 -31.89 14.19 12.78
CA ASN B 75 -32.19 12.76 12.86
C ASN B 75 -33.71 12.65 12.84
N PHE B 76 -34.28 12.14 11.74
CA PHE B 76 -35.73 12.01 11.59
C PHE B 76 -36.36 11.02 12.57
N SER B 77 -35.56 10.25 13.34
CA SER B 77 -36.15 9.44 14.42
C SER B 77 -36.65 10.40 15.56
N ASN B 78 -36.02 11.58 15.71
CA ASN B 78 -36.32 12.54 16.77
C ASN B 78 -37.14 13.73 16.33
N TYR B 79 -36.90 14.23 15.12
CA TYR B 79 -37.64 15.40 14.60
C TYR B 79 -38.90 14.95 13.87
N THR B 80 -39.94 15.80 13.85
CA THR B 80 -41.12 15.52 13.05
C THR B 80 -40.74 15.77 11.57
N GLU B 81 -41.59 15.31 10.62
CA GLU B 81 -41.30 15.58 9.19
C GLU B 81 -41.21 17.10 8.92
N SER B 82 -42.13 17.89 9.52
CA SER B 82 -42.12 19.34 9.32
C SER B 82 -40.81 19.99 9.85
N GLU B 83 -40.49 19.75 11.12
CA GLU B 83 -39.30 20.40 11.73
C GLU B 83 -38.00 19.90 11.14
N GLY B 84 -37.94 18.61 10.83
CA GLY B 84 -36.77 18.03 10.19
C GLY B 84 -36.55 18.58 8.80
N ASP B 85 -37.66 18.80 8.05
CA ASP B 85 -37.51 19.35 6.68
C ASP B 85 -36.84 20.73 6.73
N ARG B 86 -37.22 21.56 7.74
CA ARG B 86 -36.66 22.90 7.87
C ARG B 86 -35.18 22.84 8.29
N GLU B 87 -34.81 21.92 9.23
CA GLU B 87 -33.41 21.80 9.66
C GLU B 87 -32.52 21.24 8.56
N LEU B 88 -33.06 20.35 7.73
CA LEU B 88 -32.28 19.76 6.64
C LEU B 88 -31.98 20.85 5.59
N ALA B 89 -32.98 21.69 5.28
CA ALA B 89 -32.75 22.81 4.34
C ALA B 89 -31.67 23.77 4.92
N ALA B 90 -31.78 24.06 6.24
CA ALA B 90 -30.87 24.97 6.93
C ALA B 90 -29.43 24.48 6.93
N ALA B 91 -29.23 23.17 7.17
CA ALA B 91 -27.86 22.60 7.14
C ALA B 91 -27.22 22.83 5.76
N TYR B 92 -27.97 22.56 4.68
CA TYR B 92 -27.42 22.77 3.34
C TYR B 92 -27.16 24.26 3.05
N ARG B 93 -28.04 25.17 3.51
CA ARG B 93 -27.80 26.61 3.29
C ARG B 93 -26.48 27.03 4.00
N GLU B 94 -26.18 26.46 5.21
N GLU B 94 -26.18 26.46 5.18
CA GLU B 94 -24.92 26.78 5.91
CA GLU B 94 -24.95 26.77 5.89
C GLU B 94 -23.71 26.22 5.14
C GLU B 94 -23.72 26.20 5.16
N VAL B 95 -23.87 25.06 4.48
CA VAL B 95 -22.78 24.47 3.68
C VAL B 95 -22.50 25.44 2.50
N ALA B 96 -23.54 25.96 1.83
CA ALA B 96 -23.33 26.91 0.72
C ALA B 96 -22.58 28.15 1.17
N LYS B 97 -22.93 28.71 2.36
CA LYS B 97 -22.20 29.87 2.89
C LYS B 97 -20.74 29.53 3.16
N GLU B 98 -20.46 28.35 3.74
CA GLU B 98 -19.09 27.96 4.05
C GLU B 98 -18.26 27.74 2.80
N VAL B 99 -18.85 27.06 1.80
CA VAL B 99 -18.15 26.85 0.52
C VAL B 99 -17.80 28.20 -0.13
N THR B 100 -18.74 29.15 -0.07
CA THR B 100 -18.49 30.48 -0.66
C THR B 100 -17.37 31.20 0.11
N ARG B 101 -17.46 31.20 1.45
CA ARG B 101 -16.46 31.87 2.31
C ARG B 101 -15.05 31.33 2.07
N LEU B 102 -14.92 30.01 1.89
CA LEU B 102 -13.63 29.35 1.68
C LEU B 102 -12.99 29.66 0.34
N GLY B 103 -13.79 30.04 -0.65
CA GLY B 103 -13.26 30.39 -1.97
C GLY B 103 -12.81 29.20 -2.80
N VAL B 104 -13.22 27.97 -2.38
CA VAL B 104 -12.86 26.74 -3.09
C VAL B 104 -13.49 26.66 -4.48
N ASN B 105 -12.82 25.97 -5.40
CA ASN B 105 -13.32 25.74 -6.76
C ASN B 105 -14.14 24.45 -6.87
N SER B 106 -14.08 23.56 -5.86
CA SER B 106 -14.83 22.31 -5.85
C SER B 106 -15.11 21.83 -4.42
N VAL B 107 -16.12 20.99 -4.27
CA VAL B 107 -16.53 20.45 -2.95
C VAL B 107 -17.14 19.08 -3.14
N ALA B 108 -16.80 18.15 -2.24
CA ALA B 108 -17.34 16.80 -2.21
C ALA B 108 -18.47 16.82 -1.16
N ILE B 109 -19.68 16.38 -1.52
N ILE B 109 -19.69 16.40 -1.53
CA ILE B 109 -20.80 16.42 -0.59
CA ILE B 109 -20.82 16.46 -0.59
C ILE B 109 -21.63 15.14 -0.56
C ILE B 109 -21.63 15.15 -0.56
N PRO B 110 -21.99 14.65 0.64
CA PRO B 110 -22.88 13.48 0.71
C PRO B 110 -24.38 13.94 0.85
N LEU B 111 -25.33 13.00 0.77
CA LEU B 111 -26.75 13.36 0.95
C LEU B 111 -27.08 13.28 2.45
N LEU B 112 -27.17 14.44 3.08
CA LEU B 112 -27.48 14.55 4.52
C LEU B 112 -28.82 13.92 4.88
N SER B 113 -28.85 13.29 6.06
CA SER B 113 -30.03 12.65 6.65
C SER B 113 -30.59 11.46 5.82
N THR B 114 -29.76 10.80 4.98
CA THR B 114 -30.25 9.66 4.19
C THR B 114 -29.83 8.29 4.74
N GLY B 115 -28.94 8.27 5.74
CA GLY B 115 -28.45 7.03 6.33
C GLY B 115 -29.14 6.75 7.65
N VAL B 116 -28.36 6.63 8.75
CA VAL B 116 -28.94 6.33 10.06
C VAL B 116 -29.84 7.47 10.60
N TYR B 117 -29.73 8.69 10.03
CA TYR B 117 -30.63 9.78 10.44
C TYR B 117 -31.94 9.83 9.60
N SER B 118 -32.17 8.85 8.68
CA SER B 118 -33.38 8.87 7.82
C SER B 118 -34.69 8.53 8.51
N GLY B 119 -34.62 7.95 9.72
CA GLY B 119 -35.84 7.50 10.38
C GLY B 119 -36.47 6.33 9.64
N GLY B 120 -35.67 5.56 8.88
CA GLY B 120 -36.10 4.40 8.10
C GLY B 120 -36.87 4.71 6.83
N LYS B 121 -36.70 5.92 6.29
CA LYS B 121 -37.41 6.34 5.08
C LYS B 121 -36.43 6.67 3.96
N ASP B 122 -36.82 6.44 2.69
CA ASP B 122 -35.98 6.79 1.54
C ASP B 122 -36.08 8.30 1.37
N ARG B 123 -34.98 9.03 1.57
CA ARG B 123 -34.97 10.50 1.49
C ARG B 123 -34.05 11.03 0.39
N LEU B 124 -33.78 10.23 -0.65
CA LEU B 124 -32.92 10.67 -1.76
C LEU B 124 -33.43 11.97 -2.38
N THR B 125 -34.70 11.98 -2.81
CA THR B 125 -35.24 13.17 -3.49
C THR B 125 -35.30 14.37 -2.59
N GLN B 126 -35.75 14.17 -1.36
CA GLN B 126 -35.84 15.26 -0.37
C GLN B 126 -34.47 15.89 -0.11
N SER B 127 -33.48 15.06 0.18
CA SER B 127 -32.15 15.56 0.51
C SER B 127 -31.47 16.21 -0.71
N LEU B 128 -31.60 15.60 -1.89
CA LEU B 128 -31.01 16.14 -3.12
C LEU B 128 -31.67 17.48 -3.50
N ASN B 129 -32.98 17.61 -3.31
CA ASN B 129 -33.68 18.86 -3.61
C ASN B 129 -33.18 19.99 -2.70
N HIS B 130 -32.94 19.70 -1.39
CA HIS B 130 -32.41 20.75 -0.50
C HIS B 130 -30.95 21.08 -0.85
N LEU B 131 -30.19 20.08 -1.33
CA LEU B 131 -28.80 20.28 -1.76
C LEU B 131 -28.79 21.26 -2.95
N PHE B 132 -29.61 20.99 -3.97
CA PHE B 132 -29.68 21.87 -5.13
C PHE B 132 -30.15 23.29 -4.73
N THR B 133 -31.20 23.40 -3.88
CA THR B 133 -31.72 24.73 -3.49
C THR B 133 -30.61 25.61 -2.87
N ALA B 134 -29.75 25.01 -2.05
CA ALA B 134 -28.65 25.76 -1.42
C ALA B 134 -27.48 25.98 -2.39
N MET B 135 -27.07 24.94 -3.15
CA MET B 135 -25.84 25.03 -3.94
C MET B 135 -25.99 25.65 -5.31
N ASP B 136 -27.22 25.78 -5.83
CA ASP B 136 -27.42 26.31 -7.18
C ASP B 136 -26.81 27.69 -7.38
N SER B 137 -26.86 28.56 -6.35
CA SER B 137 -26.34 29.91 -6.47
C SER B 137 -24.82 30.02 -6.25
N THR B 138 -24.12 28.89 -5.94
CA THR B 138 -22.68 28.89 -5.77
C THR B 138 -22.00 28.55 -7.11
N ASP B 139 -20.71 28.92 -7.28
CA ASP B 139 -20.02 28.61 -8.53
C ASP B 139 -18.96 27.51 -8.38
N ALA B 140 -18.96 26.77 -7.25
CA ALA B 140 -18.01 25.68 -7.09
C ALA B 140 -18.50 24.46 -7.90
N ASP B 141 -17.56 23.60 -8.39
CA ASP B 141 -17.95 22.34 -8.98
C ASP B 141 -18.39 21.46 -7.81
N VAL B 142 -19.61 20.92 -7.85
CA VAL B 142 -20.12 20.10 -6.75
C VAL B 142 -20.08 18.64 -7.17
N VAL B 143 -19.47 17.78 -6.36
CA VAL B 143 -19.42 16.34 -6.65
C VAL B 143 -20.17 15.65 -5.52
N ILE B 144 -21.30 15.03 -5.84
CA ILE B 144 -22.14 14.33 -4.88
C ILE B 144 -21.69 12.90 -4.76
N TYR B 145 -21.51 12.43 -3.54
CA TYR B 145 -21.08 11.07 -3.30
C TYR B 145 -22.22 10.20 -2.79
N CYS B 146 -22.20 8.93 -3.18
CA CYS B 146 -23.16 7.93 -2.73
C CYS B 146 -22.49 6.54 -2.75
N ARG B 147 -23.16 5.51 -2.21
CA ARG B 147 -22.57 4.16 -2.23
C ARG B 147 -23.36 3.16 -3.06
N ASP B 148 -24.68 3.38 -3.17
CA ASP B 148 -25.59 2.46 -3.85
C ASP B 148 -25.72 2.70 -5.34
N LYS B 149 -25.71 1.62 -6.14
CA LYS B 149 -25.81 1.72 -7.61
C LYS B 149 -27.12 2.33 -8.10
N GLU B 150 -28.27 1.96 -7.50
CA GLU B 150 -29.55 2.54 -7.90
C GLU B 150 -29.63 4.02 -7.51
N TRP B 151 -29.05 4.39 -6.35
CA TRP B 151 -29.03 5.81 -5.94
C TRP B 151 -28.16 6.61 -6.90
N GLU B 152 -27.02 6.05 -7.32
CA GLU B 152 -26.13 6.71 -8.30
C GLU B 152 -26.89 7.04 -9.59
N LYS B 153 -27.66 6.06 -10.11
CA LYS B 153 -28.44 6.23 -11.33
C LYS B 153 -29.51 7.32 -11.15
N LYS B 154 -30.24 7.31 -10.02
CA LYS B 154 -31.28 8.32 -9.75
C LYS B 154 -30.71 9.72 -9.57
N ILE B 155 -29.58 9.86 -8.88
CA ILE B 155 -28.94 11.17 -8.71
C ILE B 155 -28.44 11.68 -10.07
N SER B 156 -27.81 10.77 -10.86
CA SER B 156 -27.31 11.16 -12.18
C SER B 156 -28.46 11.62 -13.09
N GLU B 157 -29.60 10.92 -13.06
CA GLU B 157 -30.78 11.27 -13.85
C GLU B 157 -31.31 12.64 -13.43
N ALA B 158 -31.35 12.92 -12.11
CA ALA B 158 -31.84 14.20 -11.59
C ALA B 158 -30.94 15.33 -12.06
N ILE B 159 -29.61 15.14 -12.07
CA ILE B 159 -28.68 16.18 -12.54
C ILE B 159 -28.92 16.45 -14.03
N GLN B 160 -28.98 15.38 -14.83
CA GLN B 160 -29.14 15.51 -16.28
C GLN B 160 -30.46 16.14 -16.70
N MET B 161 -31.55 15.88 -15.96
CA MET B 161 -32.85 16.43 -16.28
C MET B 161 -32.87 17.95 -16.31
N ARG B 162 -32.02 18.57 -15.49
CA ARG B 162 -31.96 20.02 -15.39
C ARG B 162 -31.10 20.69 -16.45
N THR B 163 -30.23 19.93 -17.14
CA THR B 163 -29.31 20.50 -18.14
C THR B 163 -29.89 20.52 -19.54
N GLY C 1 4.61 -17.02 -21.83
CA GLY C 1 5.61 -16.11 -21.29
C GLY C 1 6.76 -15.85 -22.24
N ALA C 2 7.55 -14.80 -21.96
CA ALA C 2 8.71 -14.50 -22.80
C ALA C 2 9.83 -15.51 -22.53
N MET C 3 10.64 -15.87 -23.54
CA MET C 3 11.72 -16.84 -23.35
C MET C 3 12.79 -16.43 -22.32
N ALA C 4 13.12 -15.14 -22.25
CA ALA C 4 14.07 -14.62 -21.27
C ALA C 4 13.43 -13.32 -20.78
N PRO C 5 12.48 -13.40 -19.83
CA PRO C 5 11.75 -12.19 -19.39
C PRO C 5 12.67 -11.01 -19.06
N SER C 6 12.36 -9.83 -19.61
CA SER C 6 13.19 -8.65 -19.44
C SER C 6 12.40 -7.40 -19.01
N TYR C 7 13.15 -6.32 -18.60
CA TYR C 7 12.63 -4.99 -18.37
C TYR C 7 13.34 -4.08 -19.37
N ARG C 8 12.59 -3.16 -19.95
CA ARG C 8 13.14 -2.13 -20.85
C ARG C 8 12.44 -0.82 -20.56
N VAL C 9 13.05 0.31 -20.97
CA VAL C 9 12.41 1.60 -20.81
C VAL C 9 12.43 2.34 -22.15
N LYS C 10 11.33 3.04 -22.48
CA LYS C 10 11.26 3.82 -23.70
C LYS C 10 10.73 5.21 -23.39
N ARG C 11 11.30 6.25 -24.03
CA ARG C 11 10.84 7.62 -23.87
C ARG C 11 9.94 7.93 -25.08
N MET C 12 8.65 7.65 -24.95
CA MET C 12 7.67 7.87 -26.02
C MET C 12 6.23 7.73 -25.50
N ASP C 13 5.26 8.10 -26.35
CA ASP C 13 3.84 8.02 -26.01
C ASP C 13 3.43 6.55 -25.85
N ILE C 14 2.92 6.18 -24.66
CA ILE C 14 2.46 4.81 -24.37
C ILE C 14 1.26 4.40 -25.27
N ALA C 15 0.52 5.39 -25.81
CA ALA C 15 -0.57 5.08 -26.74
C ALA C 15 -0.06 4.50 -28.08
N LYS C 16 1.25 4.59 -28.33
N LYS C 16 1.26 4.60 -28.36
CA LYS C 16 1.90 4.09 -29.53
CA LYS C 16 1.82 4.00 -29.56
C LYS C 16 2.81 2.86 -29.20
C LYS C 16 2.78 2.84 -29.22
N ASN C 17 2.57 2.18 -28.06
CA ASN C 17 3.40 1.03 -27.62
C ASN C 17 3.42 -0.15 -28.62
N ASP C 18 4.44 -1.00 -28.51
CA ASP C 18 4.62 -2.20 -29.34
C ASP C 18 4.46 -3.48 -28.49
N GLU C 19 3.61 -3.43 -27.46
CA GLU C 19 3.38 -4.57 -26.58
C GLU C 19 1.98 -5.18 -26.74
N GLU C 20 1.76 -6.38 -26.14
CA GLU C 20 0.48 -7.11 -26.28
C GLU C 20 -0.67 -6.55 -25.45
N CYS C 21 -0.38 -5.65 -24.51
CA CYS C 21 -1.40 -4.99 -23.70
C CYS C 21 -0.82 -3.71 -23.07
N VAL C 22 -1.70 -2.83 -22.56
CA VAL C 22 -1.24 -1.58 -21.97
C VAL C 22 -1.86 -1.39 -20.59
N VAL C 23 -1.12 -0.70 -19.73
CA VAL C 23 -1.61 -0.33 -18.42
C VAL C 23 -1.94 1.16 -18.48
N ASN C 24 -3.19 1.50 -18.16
CA ASN C 24 -3.61 2.90 -18.11
C ASN C 24 -3.42 3.40 -16.66
N ALA C 25 -2.89 4.61 -16.47
CA ALA C 25 -2.80 5.21 -15.13
C ALA C 25 -4.17 5.89 -14.96
N ALA C 26 -5.12 5.11 -14.48
CA ALA C 26 -6.55 5.44 -14.41
C ALA C 26 -7.01 6.20 -13.14
N ASN C 27 -8.28 6.69 -13.12
CA ASN C 27 -8.88 7.30 -11.95
C ASN C 27 -10.03 6.36 -11.49
N PRO C 28 -10.45 6.45 -10.22
CA PRO C 28 -11.48 5.52 -9.72
C PRO C 28 -12.82 5.43 -10.47
N ARG C 29 -13.32 6.54 -11.03
CA ARG C 29 -14.63 6.46 -11.70
C ARG C 29 -14.54 6.25 -13.24
N GLY C 30 -13.36 5.88 -13.74
CA GLY C 30 -13.20 5.55 -15.16
C GLY C 30 -13.44 6.67 -16.15
N LEU C 31 -13.03 7.88 -15.80
CA LEU C 31 -13.18 9.06 -16.64
C LEU C 31 -11.95 9.27 -17.55
N PRO C 32 -12.11 10.02 -18.68
CA PRO C 32 -10.96 10.27 -19.57
C PRO C 32 -9.71 10.87 -18.92
N GLY C 33 -9.91 11.75 -17.94
CA GLY C 33 -8.80 12.33 -17.18
C GLY C 33 -7.80 13.18 -17.94
N ASP C 34 -6.52 13.14 -17.50
CA ASP C 34 -5.42 13.92 -18.09
C ASP C 34 -4.13 13.06 -18.24
N GLY C 35 -3.13 13.61 -18.91
CA GLY C 35 -1.84 12.92 -19.10
C GLY C 35 -1.97 11.60 -19.82
N VAL C 36 -1.39 10.51 -19.25
CA VAL C 36 -1.44 9.16 -19.83
C VAL C 36 -2.90 8.74 -20.06
N CYS C 37 -3.75 8.97 -19.05
CA CYS C 37 -5.15 8.61 -19.12
C CYS C 37 -5.89 9.21 -20.34
N LYS C 38 -5.64 10.49 -20.66
CA LYS C 38 -6.27 11.14 -21.82
C LYS C 38 -5.79 10.56 -23.19
N ALA C 39 -4.49 10.32 -23.36
CA ALA C 39 -3.96 9.74 -24.60
C ALA C 39 -4.48 8.29 -24.76
N VAL C 40 -4.63 7.53 -23.63
CA VAL C 40 -5.19 6.17 -23.62
C VAL C 40 -6.68 6.27 -24.03
N TYR C 41 -7.40 7.27 -23.50
CA TYR C 41 -8.81 7.47 -23.87
C TYR C 41 -8.96 7.74 -25.35
N LYS C 42 -8.06 8.55 -25.94
CA LYS C 42 -8.17 8.88 -27.37
C LYS C 42 -7.85 7.68 -28.26
N LYS C 43 -6.92 6.81 -27.81
CA LYS C 43 -6.51 5.63 -28.59
C LYS C 43 -7.48 4.44 -28.43
N TRP C 44 -7.92 4.17 -27.20
CA TRP C 44 -8.79 3.02 -26.91
C TRP C 44 -10.05 3.44 -26.13
N PRO C 45 -10.93 4.31 -26.70
CA PRO C 45 -12.09 4.79 -25.93
C PRO C 45 -13.06 3.70 -25.49
N GLU C 46 -13.20 2.65 -26.30
CA GLU C 46 -14.11 1.54 -26.02
C GLU C 46 -13.73 0.82 -24.72
N SER C 47 -12.43 0.87 -24.32
CA SER C 47 -11.99 0.25 -23.09
C SER C 47 -12.45 0.98 -21.81
N PHE C 48 -13.08 2.18 -21.96
CA PHE C 48 -13.58 2.98 -20.83
C PHE C 48 -15.06 2.68 -20.46
N LYS C 49 -15.65 1.63 -21.08
CA LYS C 49 -17.01 1.20 -20.75
C LYS C 49 -16.91 0.40 -19.44
N ASN C 50 -17.55 0.88 -18.36
CA ASN C 50 -17.53 0.20 -17.05
C ASN C 50 -16.11 -0.12 -16.57
N SER C 51 -15.20 0.83 -16.74
CA SER C 51 -13.81 0.67 -16.32
C SER C 51 -13.53 1.19 -14.89
N ALA C 52 -14.56 1.78 -14.21
CA ALA C 52 -14.41 2.28 -12.84
C ALA C 52 -13.97 1.14 -11.91
N THR C 53 -12.97 1.40 -11.06
CA THR C 53 -12.44 0.43 -10.10
C THR C 53 -11.80 1.23 -8.93
N PRO C 54 -11.86 0.73 -7.68
CA PRO C 54 -11.35 1.53 -6.55
C PRO C 54 -9.85 1.77 -6.56
N VAL C 55 -9.39 2.74 -5.74
CA VAL C 55 -7.94 2.98 -5.58
C VAL C 55 -7.27 1.69 -5.07
N GLY C 56 -6.08 1.38 -5.58
CA GLY C 56 -5.34 0.19 -5.19
C GLY C 56 -5.72 -1.07 -5.95
N THR C 57 -6.57 -0.94 -7.00
CA THR C 57 -7.01 -2.08 -7.78
C THR C 57 -6.73 -1.88 -9.29
N ALA C 58 -6.95 -2.94 -10.09
CA ALA C 58 -6.83 -2.84 -11.54
C ALA C 58 -8.01 -3.58 -12.16
N LYS C 59 -8.54 -3.05 -13.27
CA LYS C 59 -9.66 -3.68 -13.97
C LYS C 59 -9.37 -3.66 -15.45
N THR C 60 -9.42 -4.81 -16.11
CA THR C 60 -9.12 -4.89 -17.55
C THR C 60 -10.37 -4.79 -18.40
N VAL C 61 -10.33 -3.92 -19.41
CA VAL C 61 -11.43 -3.83 -20.36
C VAL C 61 -10.81 -3.95 -21.76
N MET C 62 -11.42 -4.77 -22.63
N MET C 62 -11.39 -4.79 -22.62
CA MET C 62 -10.94 -4.99 -23.99
CA MET C 62 -10.86 -4.95 -23.96
C MET C 62 -11.36 -3.91 -24.96
C MET C 62 -11.28 -3.81 -24.87
N CYS C 63 -10.43 -3.48 -25.85
CA CYS C 63 -10.78 -2.55 -26.94
C CYS C 63 -10.57 -3.49 -28.14
N GLY C 64 -11.66 -4.07 -28.67
CA GLY C 64 -11.54 -5.11 -29.69
C GLY C 64 -11.03 -6.35 -28.98
N THR C 65 -9.82 -6.84 -29.31
CA THR C 65 -9.18 -7.92 -28.56
C THR C 65 -7.92 -7.40 -27.77
N TYR C 66 -7.63 -6.08 -27.84
CA TYR C 66 -6.46 -5.51 -27.17
C TYR C 66 -6.79 -5.14 -25.70
N PRO C 67 -6.11 -5.77 -24.73
CA PRO C 67 -6.46 -5.48 -23.32
C PRO C 67 -5.88 -4.17 -22.80
N VAL C 68 -6.75 -3.38 -22.15
CA VAL C 68 -6.33 -2.15 -21.47
C VAL C 68 -6.56 -2.39 -19.98
N ILE C 69 -5.48 -2.44 -19.18
CA ILE C 69 -5.57 -2.70 -17.74
C ILE C 69 -5.61 -1.35 -17.03
N HIS C 70 -6.80 -0.97 -16.51
CA HIS C 70 -6.94 0.31 -15.83
C HIS C 70 -6.48 0.16 -14.38
N ALA C 71 -5.32 0.72 -14.05
CA ALA C 71 -4.72 0.57 -12.69
C ALA C 71 -4.84 1.89 -11.96
N VAL C 72 -5.47 1.86 -10.78
CA VAL C 72 -5.72 3.09 -10.03
C VAL C 72 -4.77 3.29 -8.88
N GLY C 73 -3.73 4.06 -9.12
CA GLY C 73 -2.79 4.41 -8.05
C GLY C 73 -3.40 5.52 -7.20
N PRO C 74 -2.90 5.70 -5.97
CA PRO C 74 -3.43 6.77 -5.11
C PRO C 74 -3.02 8.17 -5.56
N ASN C 75 -3.85 9.18 -5.25
CA ASN C 75 -3.50 10.56 -5.50
C ASN C 75 -2.88 11.06 -4.18
N PHE C 76 -1.55 11.28 -4.18
CA PHE C 76 -0.85 11.73 -2.98
C PHE C 76 -1.22 13.14 -2.52
N SER C 77 -2.02 13.89 -3.31
CA SER C 77 -2.54 15.18 -2.82
C SER C 77 -3.57 14.92 -1.71
N ASN C 78 -4.27 13.76 -1.75
CA ASN C 78 -5.32 13.38 -0.83
C ASN C 78 -4.87 12.33 0.17
N TYR C 79 -3.98 11.41 -0.24
CA TYR C 79 -3.49 10.32 0.60
C TYR C 79 -2.26 10.73 1.44
N THR C 80 -2.14 10.22 2.67
CA THR C 80 -0.92 10.46 3.45
C THR C 80 0.20 9.60 2.82
N GLU C 81 1.49 9.88 3.16
CA GLU C 81 2.58 9.05 2.62
C GLU C 81 2.41 7.58 3.01
N SER C 82 2.02 7.33 4.26
CA SER C 82 1.82 5.96 4.75
C SER C 82 0.72 5.20 3.98
N GLU C 83 -0.49 5.79 3.91
CA GLU C 83 -1.62 5.11 3.26
C GLU C 83 -1.42 4.97 1.76
N GLY C 84 -0.90 6.02 1.14
CA GLY C 84 -0.64 6.02 -0.29
C GLY C 84 0.43 5.01 -0.65
N ASP C 85 1.45 4.82 0.20
CA ASP C 85 2.50 3.83 -0.10
C ASP C 85 1.89 2.42 -0.21
N ARG C 86 0.97 2.10 0.71
CA ARG C 86 0.30 0.80 0.69
C ARG C 86 -0.63 0.62 -0.53
N GLU C 87 -1.36 1.67 -0.92
CA GLU C 87 -2.27 1.57 -2.08
C GLU C 87 -1.48 1.50 -3.40
N LEU C 88 -0.32 2.17 -3.45
CA LEU C 88 0.51 2.15 -4.67
C LEU C 88 1.07 0.73 -4.87
N ALA C 89 1.53 0.10 -3.78
CA ALA C 89 2.03 -1.28 -3.86
C ALA C 89 0.89 -2.21 -4.35
N ALA C 90 -0.33 -2.00 -3.79
CA ALA C 90 -1.49 -2.84 -4.09
C ALA C 90 -1.90 -2.72 -5.57
N ALA C 91 -1.88 -1.47 -6.12
CA ALA C 91 -2.25 -1.28 -7.53
C ALA C 91 -1.32 -2.07 -8.44
N TYR C 92 0.00 -2.03 -8.17
CA TYR C 92 0.95 -2.81 -8.97
C TYR C 92 0.75 -4.32 -8.82
N ARG C 93 0.43 -4.82 -7.60
N ARG C 93 0.43 -4.81 -7.61
CA ARG C 93 0.17 -6.25 -7.45
CA ARG C 93 0.17 -6.24 -7.44
C ARG C 93 -1.04 -6.68 -8.30
C ARG C 93 -1.04 -6.68 -8.30
N GLU C 94 -2.06 -5.82 -8.39
CA GLU C 94 -3.23 -6.13 -9.20
C GLU C 94 -2.89 -6.10 -10.69
N VAL C 95 -1.93 -5.25 -11.12
CA VAL C 95 -1.47 -5.25 -12.53
C VAL C 95 -0.78 -6.59 -12.81
N ALA C 96 0.07 -7.06 -11.89
CA ALA C 96 0.74 -8.36 -12.07
C ALA C 96 -0.26 -9.51 -12.22
N LYS C 97 -1.33 -9.51 -11.39
CA LYS C 97 -2.36 -10.55 -11.49
C LYS C 97 -3.07 -10.47 -12.84
N GLU C 98 -3.40 -9.25 -13.30
CA GLU C 98 -4.09 -9.12 -14.61
C GLU C 98 -3.23 -9.53 -15.78
N VAL C 99 -1.95 -9.13 -15.76
CA VAL C 99 -1.02 -9.54 -16.82
C VAL C 99 -0.92 -11.08 -16.88
N THR C 100 -0.86 -11.71 -15.70
CA THR C 100 -0.76 -13.18 -15.62
C THR C 100 -2.04 -13.83 -16.16
N ARG C 101 -3.20 -13.35 -15.71
CA ARG C 101 -4.50 -13.89 -16.13
C ARG C 101 -4.68 -13.81 -17.64
N LEU C 102 -4.24 -12.70 -18.25
CA LEU C 102 -4.36 -12.52 -19.69
C LEU C 102 -3.48 -13.42 -20.54
N GLY C 103 -2.39 -13.93 -19.98
CA GLY C 103 -1.48 -14.81 -20.70
C GLY C 103 -0.58 -14.11 -21.70
N VAL C 104 -0.54 -12.77 -21.67
CA VAL C 104 0.30 -11.97 -22.59
C VAL C 104 1.79 -12.21 -22.40
N ASN C 105 2.56 -12.03 -23.48
CA ASN C 105 4.02 -12.17 -23.47
C ASN C 105 4.71 -10.84 -23.19
N SER C 106 3.98 -9.69 -23.26
CA SER C 106 4.56 -8.36 -23.02
C SER C 106 3.50 -7.39 -22.54
N VAL C 107 3.93 -6.32 -21.84
CA VAL C 107 3.02 -5.30 -21.32
C VAL C 107 3.73 -3.94 -21.31
N ALA C 108 3.00 -2.87 -21.70
CA ALA C 108 3.47 -1.48 -21.67
C ALA C 108 2.94 -0.87 -20.37
N ILE C 109 3.80 -0.28 -19.56
N ILE C 109 3.81 -0.31 -19.53
CA ILE C 109 3.37 0.25 -18.25
CA ILE C 109 3.38 0.23 -18.23
C ILE C 109 3.94 1.64 -17.96
C ILE C 109 3.94 1.63 -17.94
N PRO C 110 3.11 2.57 -17.44
CA PRO C 110 3.64 3.87 -17.00
C PRO C 110 4.01 3.80 -15.47
N LEU C 111 4.73 4.80 -14.94
CA LEU C 111 5.01 4.79 -13.48
C LEU C 111 3.81 5.43 -12.79
N LEU C 112 3.02 4.59 -12.09
CA LEU C 112 1.80 5.03 -11.41
C LEU C 112 2.11 6.05 -10.32
N SER C 113 1.19 7.01 -10.15
CA SER C 113 1.26 8.05 -9.14
C SER C 113 2.46 9.00 -9.29
N THR C 114 3.04 9.16 -10.51
CA THR C 114 4.19 10.07 -10.67
C THR C 114 3.85 11.39 -11.38
N GLY C 115 2.65 11.53 -11.89
CA GLY C 115 2.25 12.76 -12.60
C GLY C 115 1.34 13.61 -11.75
N VAL C 116 0.10 13.85 -12.19
CA VAL C 116 -0.85 14.65 -11.43
C VAL C 116 -1.24 14.01 -10.09
N TYR C 117 -1.01 12.69 -9.91
CA TYR C 117 -1.29 12.04 -8.62
C TYR C 117 -0.06 12.04 -7.69
N SER C 118 1.06 12.70 -8.07
CA SER C 118 2.27 12.68 -7.23
C SER C 118 2.25 13.57 -5.99
N GLY C 119 1.32 14.50 -5.94
CA GLY C 119 1.27 15.45 -4.85
C GLY C 119 2.43 16.44 -4.85
N GLY C 120 2.99 16.69 -6.03
CA GLY C 120 4.12 17.61 -6.18
C GLY C 120 5.48 17.06 -5.75
N LYS C 121 5.60 15.73 -5.59
CA LYS C 121 6.84 15.12 -5.15
C LYS C 121 7.43 14.21 -6.24
N ASP C 122 8.75 14.09 -6.30
CA ASP C 122 9.41 13.19 -7.26
C ASP C 122 9.26 11.78 -6.68
N ARG C 123 8.49 10.92 -7.36
CA ARG C 123 8.22 9.54 -6.91
C ARG C 123 8.75 8.48 -7.86
N LEU C 124 9.80 8.81 -8.66
CA LEU C 124 10.38 7.84 -9.59
C LEU C 124 10.81 6.54 -8.87
N THR C 125 11.69 6.68 -7.87
CA THR C 125 12.24 5.52 -7.17
C THR C 125 11.16 4.75 -6.44
N GLN C 126 10.26 5.48 -5.76
CA GLN C 126 9.19 4.81 -5.02
C GLN C 126 8.27 3.99 -5.97
N SER C 127 7.83 4.60 -7.07
CA SER C 127 6.91 3.92 -7.99
C SER C 127 7.61 2.75 -8.70
N LEU C 128 8.87 2.96 -9.14
CA LEU C 128 9.63 1.91 -9.82
C LEU C 128 9.91 0.73 -8.90
N ASN C 129 10.21 1.01 -7.60
CA ASN C 129 10.43 -0.08 -6.65
C ASN C 129 9.17 -0.94 -6.47
N HIS C 130 7.97 -0.30 -6.40
CA HIS C 130 6.73 -1.07 -6.27
C HIS C 130 6.44 -1.85 -7.57
N LEU C 131 6.81 -1.27 -8.73
CA LEU C 131 6.61 -1.94 -10.00
C LEU C 131 7.45 -3.23 -10.04
N PHE C 132 8.72 -3.15 -9.66
CA PHE C 132 9.61 -4.32 -9.63
C PHE C 132 9.12 -5.36 -8.62
N THR C 133 8.68 -4.93 -7.42
CA THR C 133 8.22 -5.89 -6.40
C THR C 133 7.04 -6.74 -6.92
N ALA C 134 6.14 -6.11 -7.68
CA ALA C 134 4.99 -6.84 -8.22
C ALA C 134 5.34 -7.64 -9.48
N MET C 135 6.11 -7.05 -10.41
CA MET C 135 6.34 -7.68 -11.72
C MET C 135 7.49 -8.66 -11.76
N ASP C 136 8.40 -8.67 -10.77
CA ASP C 136 9.56 -9.59 -10.82
C ASP C 136 9.16 -11.06 -10.95
N SER C 137 8.03 -11.46 -10.32
CA SER C 137 7.61 -12.86 -10.38
C SER C 137 6.79 -13.21 -11.62
N THR C 138 6.55 -12.23 -12.54
CA THR C 138 5.85 -12.50 -13.80
C THR C 138 6.86 -12.81 -14.89
N ASP C 139 6.44 -13.53 -15.96
CA ASP C 139 7.36 -13.85 -17.03
C ASP C 139 7.09 -13.02 -18.31
N ALA C 140 6.29 -11.95 -18.23
CA ALA C 140 6.05 -11.10 -19.40
C ALA C 140 7.23 -10.14 -19.57
N ASP C 141 7.55 -9.76 -20.82
CA ASP C 141 8.50 -8.70 -21.07
C ASP C 141 7.82 -7.39 -20.65
N VAL C 142 8.44 -6.60 -19.79
CA VAL C 142 7.85 -5.36 -19.30
C VAL C 142 8.55 -4.17 -19.95
N VAL C 143 7.78 -3.25 -20.54
CA VAL C 143 8.35 -2.06 -21.17
C VAL C 143 7.76 -0.85 -20.48
N ILE C 144 8.62 -0.10 -19.78
CA ILE C 144 8.20 1.08 -19.00
C ILE C 144 8.25 2.30 -19.88
N TYR C 145 7.18 3.12 -19.88
CA TYR C 145 7.15 4.31 -20.74
C TYR C 145 7.25 5.58 -19.92
N CYS C 146 8.07 6.52 -20.37
CA CYS C 146 8.22 7.80 -19.69
C CYS C 146 8.31 8.93 -20.75
N ARG C 147 8.32 10.20 -20.31
CA ARG C 147 8.39 11.32 -21.25
C ARG C 147 9.63 12.20 -21.09
N ASP C 148 10.28 12.14 -19.92
CA ASP C 148 11.45 12.98 -19.60
C ASP C 148 12.78 12.28 -19.82
N LYS C 149 13.76 12.99 -20.39
CA LYS C 149 15.09 12.43 -20.66
C LYS C 149 15.86 12.00 -19.40
N GLU C 150 15.82 12.81 -18.32
CA GLU C 150 16.51 12.44 -17.09
C GLU C 150 15.83 11.24 -16.41
N TRP C 151 14.50 11.15 -16.50
CA TRP C 151 13.78 9.99 -15.95
C TRP C 151 14.13 8.73 -16.73
N GLU C 152 14.24 8.83 -18.08
CA GLU C 152 14.64 7.68 -18.91
C GLU C 152 16.01 7.12 -18.47
N LYS C 153 16.98 8.02 -18.23
CA LYS C 153 18.32 7.64 -17.81
C LYS C 153 18.30 6.96 -16.42
N LYS C 154 17.56 7.53 -15.46
CA LYS C 154 17.46 6.97 -14.11
C LYS C 154 16.76 5.61 -14.08
N ILE C 155 15.69 5.45 -14.86
CA ILE C 155 15.00 4.16 -14.94
C ILE C 155 15.90 3.12 -15.59
N SER C 156 16.61 3.51 -16.67
CA SER C 156 17.50 2.60 -17.36
C SER C 156 18.64 2.14 -16.42
N GLU C 157 19.20 3.07 -15.63
CA GLU C 157 20.27 2.76 -14.66
C GLU C 157 19.75 1.78 -13.60
N ALA C 158 18.53 1.98 -13.11
CA ALA C 158 17.93 1.10 -12.10
C ALA C 158 17.73 -0.32 -12.65
N ILE C 159 17.31 -0.45 -13.91
CA ILE C 159 17.13 -1.78 -14.53
C ILE C 159 18.50 -2.47 -14.65
N GLN C 160 19.50 -1.74 -15.18
CA GLN C 160 20.83 -2.30 -15.38
C GLN C 160 21.55 -2.70 -14.10
N MET C 161 21.34 -1.97 -13.00
CA MET C 161 21.97 -2.26 -11.72
C MET C 161 21.67 -3.69 -11.24
N ARG C 162 20.47 -4.18 -11.55
CA ARG C 162 20.01 -5.51 -11.12
C ARG C 162 20.49 -6.66 -12.00
N THR C 163 20.96 -6.38 -13.23
CA THR C 163 21.39 -7.44 -14.14
C THR C 163 22.86 -7.84 -13.92
N PRO D 5 12.83 -44.63 -8.16
CA PRO D 5 13.68 -43.69 -7.40
C PRO D 5 13.48 -43.81 -5.88
N SER D 6 14.46 -43.34 -5.11
N SER D 6 14.47 -43.35 -5.08
CA SER D 6 14.35 -43.36 -3.65
CA SER D 6 14.36 -43.39 -3.61
C SER D 6 14.16 -41.92 -3.15
C SER D 6 14.28 -41.97 -3.06
N TYR D 7 13.48 -41.76 -2.02
CA TYR D 7 13.23 -40.41 -1.49
C TYR D 7 13.69 -40.28 -0.07
N ARG D 8 14.29 -39.15 0.24
CA ARG D 8 14.70 -38.82 1.60
C ARG D 8 14.40 -37.35 1.85
N VAL D 9 14.31 -36.95 3.13
CA VAL D 9 14.10 -35.54 3.46
C VAL D 9 15.15 -35.08 4.46
N LYS D 10 15.67 -33.86 4.30
CA LYS D 10 16.62 -33.29 5.24
C LYS D 10 16.18 -31.89 5.63
N ARG D 11 16.32 -31.54 6.92
CA ARG D 11 16.01 -30.21 7.40
C ARG D 11 17.32 -29.43 7.49
N MET D 12 17.70 -28.75 6.40
CA MET D 12 18.95 -27.99 6.34
C MET D 12 18.99 -27.13 5.08
N ASP D 13 19.98 -26.24 4.99
CA ASP D 13 20.13 -25.33 3.87
C ASP D 13 20.51 -26.14 2.60
N ILE D 14 19.67 -26.04 1.54
CA ILE D 14 19.93 -26.73 0.27
C ILE D 14 21.26 -26.30 -0.39
N ALA D 15 21.77 -25.11 -0.03
CA ALA D 15 23.08 -24.66 -0.55
C ALA D 15 24.26 -25.51 0.00
N LYS D 16 24.00 -26.35 1.03
CA LYS D 16 24.97 -27.25 1.62
C LYS D 16 24.63 -28.72 1.34
N ASN D 17 23.86 -29.01 0.27
CA ASN D 17 23.45 -30.37 -0.05
C ASN D 17 24.62 -31.32 -0.32
N ASP D 18 24.36 -32.63 -0.23
CA ASP D 18 25.37 -33.67 -0.50
C ASP D 18 24.97 -34.48 -1.76
N GLU D 19 24.32 -33.84 -2.74
CA GLU D 19 23.86 -34.50 -3.96
C GLU D 19 24.61 -34.02 -5.22
N GLU D 20 24.44 -34.73 -6.35
CA GLU D 20 25.18 -34.43 -7.60
C GLU D 20 24.72 -33.20 -8.36
N CYS D 21 23.53 -32.67 -8.02
CA CYS D 21 23.00 -31.46 -8.63
C CYS D 21 21.94 -30.86 -7.72
N VAL D 22 21.57 -29.59 -7.99
CA VAL D 22 20.58 -28.92 -7.15
C VAL D 22 19.50 -28.30 -8.00
N VAL D 23 18.28 -28.25 -7.46
CA VAL D 23 17.19 -27.55 -8.11
C VAL D 23 17.00 -26.22 -7.37
N ASN D 24 17.09 -25.10 -8.09
CA ASN D 24 16.85 -23.79 -7.50
C ASN D 24 15.35 -23.46 -7.64
N ALA D 25 14.72 -22.89 -6.59
CA ALA D 25 13.33 -22.42 -6.70
C ALA D 25 13.49 -20.98 -7.24
N ALA D 26 13.58 -20.88 -8.56
CA ALA D 26 13.96 -19.67 -9.26
C ALA D 26 12.80 -18.69 -9.55
N ASN D 27 13.15 -17.43 -9.89
CA ASN D 27 12.16 -16.49 -10.40
C ASN D 27 12.37 -16.47 -11.94
N PRO D 28 11.37 -16.02 -12.71
CA PRO D 28 11.51 -16.08 -14.18
C PRO D 28 12.59 -15.19 -14.78
N ARG D 29 13.04 -14.17 -14.03
CA ARG D 29 14.00 -13.20 -14.56
C ARG D 29 15.48 -13.47 -14.27
N GLY D 30 15.76 -14.57 -13.57
CA GLY D 30 17.14 -14.91 -13.23
C GLY D 30 17.74 -13.98 -12.20
N LEU D 31 16.89 -13.35 -11.36
CA LEU D 31 17.37 -12.42 -10.32
C LEU D 31 17.77 -13.19 -9.06
N PRO D 32 18.63 -12.60 -8.20
CA PRO D 32 19.01 -13.29 -6.95
C PRO D 32 17.86 -13.67 -6.03
N GLY D 33 16.81 -12.85 -5.98
CA GLY D 33 15.62 -13.16 -5.19
C GLY D 33 15.79 -13.23 -3.69
N ASP D 34 15.04 -14.14 -3.04
CA ASP D 34 15.07 -14.34 -1.60
C ASP D 34 14.87 -15.83 -1.23
N GLY D 35 14.98 -16.18 0.05
CA GLY D 35 14.84 -17.57 0.49
C GLY D 35 15.84 -18.51 -0.16
N VAL D 36 15.34 -19.65 -0.71
CA VAL D 36 16.20 -20.65 -1.40
C VAL D 36 16.99 -19.98 -2.53
N CYS D 37 16.32 -19.17 -3.33
CA CYS D 37 16.95 -18.52 -4.47
C CYS D 37 18.17 -17.67 -4.07
N LYS D 38 18.08 -16.90 -2.96
CA LYS D 38 19.21 -16.08 -2.50
C LYS D 38 20.39 -16.93 -2.01
N ALA D 39 20.09 -18.03 -1.32
CA ALA D 39 21.14 -18.92 -0.83
C ALA D 39 21.86 -19.60 -2.01
N VAL D 40 21.08 -19.97 -3.05
CA VAL D 40 21.62 -20.58 -4.26
C VAL D 40 22.49 -19.54 -4.98
N TYR D 41 22.05 -18.26 -5.02
CA TYR D 41 22.83 -17.20 -5.67
C TYR D 41 24.17 -16.98 -4.95
N LYS D 42 24.17 -17.04 -3.61
CA LYS D 42 25.43 -16.83 -2.87
C LYS D 42 26.40 -18.00 -3.07
N LYS D 43 25.87 -19.22 -3.20
CA LYS D 43 26.71 -20.43 -3.32
C LYS D 43 27.19 -20.67 -4.76
N TRP D 44 26.31 -20.50 -5.74
CA TRP D 44 26.65 -20.76 -7.15
C TRP D 44 26.29 -19.56 -8.04
N PRO D 45 26.89 -18.38 -7.80
CA PRO D 45 26.51 -17.18 -8.58
C PRO D 45 26.70 -17.31 -10.09
N GLU D 46 27.74 -18.07 -10.51
CA GLU D 46 28.03 -18.27 -11.95
C GLU D 46 26.88 -18.97 -12.68
N SER D 47 26.06 -19.74 -11.94
CA SER D 47 24.93 -20.44 -12.55
C SER D 47 23.76 -19.50 -12.93
N PHE D 48 23.84 -18.19 -12.61
CA PHE D 48 22.77 -17.25 -12.98
C PHE D 48 23.03 -16.54 -14.33
N LYS D 49 24.11 -16.93 -15.05
CA LYS D 49 24.37 -16.38 -16.37
C LYS D 49 23.30 -16.93 -17.32
N ASN D 50 22.43 -16.05 -17.85
CA ASN D 50 21.35 -16.44 -18.76
C ASN D 50 20.47 -17.54 -18.17
N SER D 51 20.13 -17.42 -16.87
CA SER D 51 19.25 -18.40 -16.23
C SER D 51 17.75 -18.04 -16.34
N ALA D 52 17.40 -16.84 -16.85
CA ALA D 52 15.98 -16.43 -17.01
C ALA D 52 15.24 -17.45 -17.88
N THR D 53 14.02 -17.83 -17.45
CA THR D 53 13.22 -18.85 -18.14
C THR D 53 11.75 -18.68 -17.71
N PRO D 54 10.78 -19.03 -18.57
CA PRO D 54 9.38 -18.77 -18.21
C PRO D 54 8.85 -19.62 -17.05
N VAL D 55 7.70 -19.20 -16.48
CA VAL D 55 7.02 -19.99 -15.45
C VAL D 55 6.65 -21.35 -16.03
N GLY D 56 6.78 -22.41 -15.22
CA GLY D 56 6.45 -23.77 -15.65
C GLY D 56 7.57 -24.48 -16.38
N THR D 57 8.77 -23.87 -16.42
CA THR D 57 9.92 -24.45 -17.11
C THR D 57 11.13 -24.60 -16.20
N ALA D 58 12.16 -25.33 -16.69
CA ALA D 58 13.42 -25.46 -15.96
C ALA D 58 14.56 -25.25 -16.94
N LYS D 59 15.63 -24.60 -16.48
CA LYS D 59 16.78 -24.32 -17.33
C LYS D 59 18.03 -24.62 -16.51
N THR D 60 18.91 -25.50 -17.02
CA THR D 60 20.11 -25.89 -16.29
C THR D 60 21.29 -25.05 -16.70
N VAL D 61 22.01 -24.49 -15.72
CA VAL D 61 23.24 -23.75 -15.96
C VAL D 61 24.32 -24.33 -15.05
N MET D 62 25.51 -24.62 -15.60
N MET D 62 25.50 -24.65 -15.60
CA MET D 62 26.64 -25.19 -14.84
CA MET D 62 26.58 -25.21 -14.77
C MET D 62 27.40 -24.16 -14.01
C MET D 62 27.27 -24.12 -13.96
N CYS D 63 27.77 -24.51 -12.77
CA CYS D 63 28.65 -23.65 -11.97
C CYS D 63 29.88 -24.57 -11.87
N GLY D 64 30.89 -24.35 -12.71
CA GLY D 64 32.02 -25.27 -12.81
C GLY D 64 31.48 -26.50 -13.53
N THR D 65 31.47 -27.68 -12.87
CA THR D 65 30.81 -28.86 -13.45
C THR D 65 29.52 -29.24 -12.66
N TYR D 66 29.14 -28.43 -11.67
CA TYR D 66 28.00 -28.72 -10.82
C TYR D 66 26.72 -28.13 -11.44
N PRO D 67 25.74 -28.98 -11.79
CA PRO D 67 24.52 -28.47 -12.45
C PRO D 67 23.55 -27.82 -11.49
N VAL D 68 23.09 -26.61 -11.84
CA VAL D 68 22.05 -25.92 -11.07
C VAL D 68 20.83 -25.89 -12.01
N ILE D 69 19.74 -26.59 -11.64
CA ILE D 69 18.53 -26.64 -12.46
C ILE D 69 17.57 -25.54 -11.95
N HIS D 70 17.45 -24.43 -12.68
CA HIS D 70 16.57 -23.33 -12.24
C HIS D 70 15.14 -23.66 -12.63
N ALA D 71 14.28 -23.98 -11.65
CA ALA D 71 12.90 -24.38 -11.93
C ALA D 71 11.98 -23.24 -11.48
N VAL D 72 11.13 -22.77 -12.39
CA VAL D 72 10.27 -21.62 -12.07
C VAL D 72 8.83 -22.06 -11.78
N GLY D 73 8.51 -22.16 -10.50
CA GLY D 73 7.14 -22.47 -10.08
C GLY D 73 6.30 -21.20 -10.18
N PRO D 74 4.97 -21.34 -10.25
CA PRO D 74 4.13 -20.15 -10.33
C PRO D 74 4.05 -19.40 -8.99
N ASN D 75 3.81 -18.08 -9.07
CA ASN D 75 3.55 -17.30 -7.86
C ASN D 75 2.01 -17.29 -7.72
N PHE D 76 1.47 -17.98 -6.70
CA PHE D 76 0.02 -18.05 -6.51
C PHE D 76 -0.62 -16.71 -6.12
N SER D 77 0.17 -15.65 -5.88
CA SER D 77 -0.42 -14.31 -5.74
C SER D 77 -0.92 -13.81 -7.12
N ASN D 78 -0.31 -14.29 -8.22
CA ASN D 78 -0.64 -13.85 -9.58
C ASN D 78 -1.52 -14.84 -10.35
N TYR D 79 -1.33 -16.15 -10.14
CA TYR D 79 -2.10 -17.17 -10.86
C TYR D 79 -3.34 -17.56 -10.07
N THR D 80 -4.38 -18.03 -10.77
CA THR D 80 -5.53 -18.64 -10.10
C THR D 80 -5.10 -20.03 -9.59
N GLU D 81 -5.91 -20.67 -8.70
CA GLU D 81 -5.56 -22.01 -8.24
C GLU D 81 -5.50 -22.99 -9.41
N SER D 82 -6.46 -22.89 -10.35
CA SER D 82 -6.48 -23.80 -11.49
C SER D 82 -5.21 -23.66 -12.39
N GLU D 83 -4.93 -22.43 -12.83
CA GLU D 83 -3.78 -22.21 -13.74
C GLU D 83 -2.44 -22.47 -13.05
N GLY D 84 -2.34 -22.05 -11.79
CA GLY D 84 -1.13 -22.26 -11.01
C GLY D 84 -0.87 -23.74 -10.77
N ASP D 85 -1.95 -24.54 -10.54
CA ASP D 85 -1.76 -25.99 -10.33
C ASP D 85 -1.11 -26.63 -11.56
N ARG D 86 -1.54 -26.19 -12.77
CA ARG D 86 -1.01 -26.74 -14.01
C ARG D 86 0.47 -26.33 -14.20
N GLU D 87 0.82 -25.07 -13.87
CA GLU D 87 2.22 -24.61 -14.02
C GLU D 87 3.16 -25.27 -13.01
N LEU D 88 2.67 -25.57 -11.79
CA LEU D 88 3.48 -26.21 -10.75
C LEU D 88 3.78 -27.64 -11.22
N ALA D 89 2.78 -28.36 -11.75
CA ALA D 89 3.00 -29.69 -12.33
C ALA D 89 4.06 -29.64 -13.46
N ALA D 90 3.97 -28.62 -14.35
CA ALA D 90 4.87 -28.44 -15.48
C ALA D 90 6.29 -28.17 -15.03
N ALA D 91 6.49 -27.31 -14.02
CA ALA D 91 7.85 -27.02 -13.55
C ALA D 91 8.53 -28.32 -13.05
N TYR D 92 7.80 -29.13 -12.26
CA TYR D 92 8.37 -30.39 -11.78
C TYR D 92 8.64 -31.38 -12.93
N ARG D 93 7.73 -31.49 -13.91
CA ARG D 93 7.95 -32.36 -15.09
C ARG D 93 9.24 -31.96 -15.83
N GLU D 94 9.50 -30.64 -15.96
CA GLU D 94 10.72 -30.18 -16.62
C GLU D 94 11.99 -30.49 -15.80
N VAL D 95 11.88 -30.47 -14.45
CA VAL D 95 13.00 -30.86 -13.57
C VAL D 95 13.32 -32.34 -13.81
N ALA D 96 12.27 -33.19 -13.86
CA ALA D 96 12.51 -34.62 -14.08
C ALA D 96 13.22 -34.89 -15.42
N LYS D 97 12.82 -34.17 -16.48
CA LYS D 97 13.48 -34.33 -17.78
C LYS D 97 14.95 -33.93 -17.69
N GLU D 98 15.25 -32.81 -17.01
CA GLU D 98 16.63 -32.34 -16.86
C GLU D 98 17.49 -33.31 -16.04
N VAL D 99 16.93 -33.83 -14.93
CA VAL D 99 17.65 -34.82 -14.11
C VAL D 99 17.98 -36.07 -14.96
N THR D 100 17.01 -36.54 -15.77
CA THR D 100 17.23 -37.69 -16.64
C THR D 100 18.31 -37.40 -17.69
N ARG D 101 18.21 -36.25 -18.38
CA ARG D 101 19.16 -35.85 -19.41
C ARG D 101 20.59 -35.75 -18.86
N LEU D 102 20.74 -35.22 -17.64
CA LEU D 102 22.05 -35.05 -17.00
C LEU D 102 22.72 -36.37 -16.59
N GLY D 103 21.92 -37.42 -16.39
CA GLY D 103 22.46 -38.73 -16.00
C GLY D 103 22.96 -38.81 -14.57
N VAL D 104 22.58 -37.82 -13.72
CA VAL D 104 22.99 -37.77 -12.32
C VAL D 104 22.40 -38.93 -11.52
N ASN D 105 23.09 -39.34 -10.47
CA ASN D 105 22.63 -40.39 -9.57
C ASN D 105 21.79 -39.84 -8.40
N SER D 106 21.87 -38.50 -8.14
CA SER D 106 21.12 -37.89 -7.04
C SER D 106 20.83 -36.42 -7.33
N VAL D 107 19.80 -35.88 -6.67
CA VAL D 107 19.39 -34.48 -6.86
C VAL D 107 18.82 -33.94 -5.57
N ALA D 108 19.18 -32.70 -5.22
CA ALA D 108 18.67 -31.96 -4.07
C ALA D 108 17.53 -31.08 -4.59
N ILE D 109 16.34 -31.16 -3.97
N ILE D 109 16.32 -31.18 -4.00
CA ILE D 109 15.19 -30.40 -4.46
CA ILE D 109 15.17 -30.42 -4.49
C ILE D 109 14.40 -29.72 -3.35
C ILE D 109 14.40 -29.72 -3.37
N PRO D 110 14.01 -28.45 -3.55
CA PRO D 110 13.13 -27.79 -2.57
C PRO D 110 11.63 -27.95 -2.97
N LEU D 111 10.67 -27.61 -2.07
CA LEU D 111 9.25 -27.69 -2.45
C LEU D 111 8.86 -26.38 -3.15
N LEU D 112 8.74 -26.44 -4.49
CA LEU D 112 8.43 -25.27 -5.29
C LEU D 112 7.09 -24.64 -4.89
N SER D 113 7.03 -23.31 -4.97
CA SER D 113 5.82 -22.52 -4.69
C SER D 113 5.28 -22.62 -3.25
N THR D 114 6.14 -22.98 -2.27
CA THR D 114 5.69 -23.08 -0.86
C THR D 114 6.10 -21.92 0.03
N GLY D 115 6.97 -21.04 -0.47
CA GLY D 115 7.42 -19.89 0.32
C GLY D 115 6.76 -18.60 -0.12
N VAL D 116 7.55 -17.62 -0.60
CA VAL D 116 6.96 -16.34 -1.03
C VAL D 116 6.05 -16.48 -2.25
N TYR D 117 6.11 -17.60 -2.98
CA TYR D 117 5.21 -17.84 -4.13
C TYR D 117 3.92 -18.60 -3.72
N SER D 118 3.71 -18.86 -2.43
CA SER D 118 2.55 -19.63 -1.97
C SER D 118 1.22 -18.88 -1.96
N GLY D 119 1.24 -17.55 -2.10
CA GLY D 119 0.02 -16.76 -2.02
C GLY D 119 -0.59 -16.80 -0.62
N GLY D 120 0.25 -17.04 0.40
CA GLY D 120 -0.14 -17.12 1.81
C GLY D 120 -0.87 -18.39 2.22
N LYS D 121 -0.75 -19.45 1.42
CA LYS D 121 -1.45 -20.72 1.69
C LYS D 121 -0.45 -21.84 1.95
N ASP D 122 -0.81 -22.81 2.83
CA ASP D 122 0.08 -23.95 3.09
C ASP D 122 -0.05 -24.89 1.89
N ARG D 123 1.03 -25.06 1.11
CA ARG D 123 1.04 -25.89 -0.09
C ARG D 123 1.98 -27.08 -0.01
N LEU D 124 2.27 -27.57 1.21
CA LEU D 124 3.17 -28.73 1.39
C LEU D 124 2.65 -29.94 0.58
N THR D 125 1.38 -30.35 0.83
CA THR D 125 0.82 -31.53 0.18
C THR D 125 0.75 -31.37 -1.34
N GLN D 126 0.28 -30.23 -1.79
CA GLN D 126 0.16 -29.95 -3.22
C GLN D 126 1.51 -30.02 -3.93
N SER D 127 2.51 -29.31 -3.38
CA SER D 127 3.83 -29.27 -4.02
C SER D 127 4.52 -30.64 -3.97
N LEU D 128 4.43 -31.33 -2.83
CA LEU D 128 5.03 -32.66 -2.69
C LEU D 128 4.37 -33.69 -3.63
N ASN D 129 3.03 -33.56 -3.84
CA ASN D 129 2.32 -34.48 -4.74
C ASN D 129 2.77 -34.33 -6.19
N HIS D 130 2.97 -33.08 -6.66
CA HIS D 130 3.50 -32.84 -8.01
C HIS D 130 4.96 -33.32 -8.11
N LEU D 131 5.75 -33.13 -7.04
CA LEU D 131 7.15 -33.58 -7.00
C LEU D 131 7.19 -35.10 -7.19
N PHE D 132 6.42 -35.90 -6.39
CA PHE D 132 6.41 -37.35 -6.52
C PHE D 132 6.01 -37.79 -7.95
N THR D 133 4.93 -37.21 -8.50
CA THR D 133 4.44 -37.56 -9.83
C THR D 133 5.52 -37.43 -10.91
N ALA D 134 6.23 -36.31 -10.90
CA ALA D 134 7.29 -36.08 -11.89
C ALA D 134 8.53 -36.92 -11.60
N MET D 135 9.02 -36.94 -10.35
CA MET D 135 10.28 -37.61 -10.05
C MET D 135 10.18 -39.14 -10.07
N ASP D 136 8.97 -39.71 -9.99
CA ASP D 136 8.82 -41.17 -10.11
C ASP D 136 9.28 -41.70 -11.46
N SER D 137 9.34 -40.83 -12.48
CA SER D 137 9.78 -41.20 -13.82
C SER D 137 11.32 -41.27 -13.92
N THR D 138 12.07 -40.76 -12.93
CA THR D 138 13.53 -40.84 -12.94
C THR D 138 14.02 -42.07 -12.13
N ASP D 139 15.32 -42.38 -12.19
CA ASP D 139 15.89 -43.40 -11.31
C ASP D 139 16.93 -42.79 -10.30
N ALA D 140 16.87 -41.47 -10.09
CA ALA D 140 17.81 -40.81 -9.21
C ALA D 140 17.38 -40.88 -7.76
N ASP D 141 18.36 -40.78 -6.85
CA ASP D 141 18.04 -40.65 -5.43
C ASP D 141 17.62 -39.19 -5.25
N VAL D 142 16.43 -38.96 -4.71
CA VAL D 142 15.90 -37.60 -4.54
C VAL D 142 15.97 -37.22 -3.07
N VAL D 143 16.58 -36.08 -2.76
CA VAL D 143 16.65 -35.61 -1.39
C VAL D 143 15.94 -34.26 -1.33
N ILE D 144 14.84 -34.21 -0.59
CA ILE D 144 14.00 -33.04 -0.44
C ILE D 144 14.50 -32.20 0.72
N TYR D 145 14.67 -30.88 0.53
CA TYR D 145 15.17 -30.01 1.59
C TYR D 145 14.08 -29.10 2.13
N CYS D 146 14.00 -28.98 3.45
CA CYS D 146 13.04 -28.08 4.09
C CYS D 146 13.71 -27.37 5.29
N ARG D 147 13.04 -26.38 5.91
CA ARG D 147 13.64 -25.68 7.06
C ARG D 147 12.82 -25.81 8.35
N ASP D 148 11.56 -26.24 8.26
CA ASP D 148 10.68 -26.34 9.44
C ASP D 148 10.58 -27.76 9.98
N LYS D 149 10.61 -27.93 11.34
CA LYS D 149 10.53 -29.25 11.97
C LYS D 149 9.21 -29.99 11.69
N GLU D 150 8.07 -29.28 11.73
CA GLU D 150 6.78 -29.92 11.44
C GLU D 150 6.68 -30.33 9.97
N TRP D 151 7.25 -29.50 9.06
CA TRP D 151 7.26 -29.86 7.64
C TRP D 151 8.15 -31.09 7.39
N GLU D 152 9.30 -31.18 8.08
CA GLU D 152 10.19 -32.36 7.96
C GLU D 152 9.44 -33.64 8.33
N LYS D 153 8.71 -33.61 9.45
CA LYS D 153 7.93 -34.75 9.92
C LYS D 153 6.84 -35.14 8.91
N LYS D 154 6.08 -34.16 8.39
CA LYS D 154 5.02 -34.41 7.40
C LYS D 154 5.55 -34.95 6.08
N ILE D 155 6.69 -34.43 5.60
CA ILE D 155 7.29 -34.92 4.37
C ILE D 155 7.78 -36.35 4.58
N SER D 156 8.43 -36.60 5.73
CA SER D 156 8.92 -37.95 6.04
C SER D 156 7.76 -38.96 6.11
N GLU D 157 6.63 -38.57 6.72
CA GLU D 157 5.44 -39.42 6.81
C GLU D 157 4.86 -39.71 5.41
N ALA D 158 4.84 -38.70 4.53
CA ALA D 158 4.35 -38.87 3.17
C ALA D 158 5.22 -39.82 2.37
N ILE D 159 6.56 -39.76 2.55
CA ILE D 159 7.46 -40.69 1.87
C ILE D 159 7.21 -42.12 2.36
N GLN D 160 7.13 -42.31 3.67
CA GLN D 160 6.93 -43.64 4.25
C GLN D 160 5.59 -44.28 3.88
N MET D 161 4.53 -43.48 3.75
CA MET D 161 3.20 -43.98 3.39
C MET D 161 3.20 -44.73 2.05
N ARG D 162 4.07 -44.32 1.12
CA ARG D 162 4.15 -44.93 -0.21
C ARG D 162 5.01 -46.19 -0.27
N THR D 163 5.84 -46.45 0.75
CA THR D 163 6.72 -47.62 0.74
C THR D 163 6.01 -48.88 1.28
S DMS E . -3.47 -2.20 7.62
O DMS E . -2.01 -2.36 7.85
C1 DMS E . -4.15 -0.94 8.71
C2 DMS E . -4.32 -3.58 8.44
S DMS F . 5.80 -0.45 25.34
O DMS F . 6.99 0.38 24.93
C1 DMS F . 5.37 -1.61 24.05
C2 DMS F . 4.30 0.52 25.33
C TRS G . 23.00 1.18 25.41
C1 TRS G . 22.75 2.52 24.72
C2 TRS G . 22.82 0.01 24.45
C3 TRS G . 24.40 1.16 26.04
N TRS G . 21.99 1.04 26.51
O1 TRS G . 22.80 3.62 25.62
O2 TRS G . 23.74 0.05 23.36
O3 TRS G . 24.60 0.02 26.86
S DMS H . 16.93 1.00 6.29
O DMS H . 16.68 2.49 6.33
C1 DMS H . 15.45 0.23 6.93
C2 DMS H . 17.96 0.50 7.71
S DMS I . 3.81 6.64 25.25
O DMS I . 5.06 6.35 24.43
C1 DMS I . 2.58 5.44 24.71
C2 DMS I . 3.06 8.01 24.38
S DMS J . 1.21 22.90 17.39
O DMS J . 1.14 23.06 15.93
C1 DMS J . -0.31 23.65 18.09
C2 DMS J . 2.28 24.20 18.10
CL CL K . 5.98 4.44 27.28
CL CL L . -0.67 11.75 26.03
CL CL M . -7.47 9.43 16.36
N1 A1BCF N . -0.67 10.95 32.00
N3 A1BCF N . 0.63 7.38 36.28
C4 A1BCF N . 0.24 10.41 29.43
C5 A1BCF N . -0.96 11.19 29.59
C6 A1BCF N . 1.18 9.90 33.04
C7 A1BCF N . 1.08 7.41 32.57
C8 A1BCF N . 2.20 8.27 34.60
C10 A1BCF N . -0.12 7.80 37.36
O1 A1BCF N . 1.45 10.80 33.84
N2 A1BCF N . 1.56 8.55 33.32
C9 A1BCF N . 1.29 8.38 35.78
S A1BCF N . 1.03 9.88 36.61
C11 A1BCF N . -0.03 9.10 37.68
C2 A1BCF N . 0.44 10.25 31.81
C3 A1BCF N . 0.92 9.95 30.50
O A1BCF N . -1.62 11.66 28.67
N A1BCF N . -1.34 11.39 30.90
C1 A1BCF N . -2.56 12.14 31.21
C A1BCF N . -3.61 11.27 31.83
S DMS O . 14.85 1.74 40.25
O DMS O . 13.59 2.51 39.92
C1 DMS O . 14.36 0.19 41.05
C2 DMS O . 15.57 2.51 41.73
S DMS P . -8.58 12.75 19.30
O DMS P . -7.70 11.74 20.00
C1 DMS P . -8.64 12.31 17.53
C2 DMS P . -10.32 12.36 19.65
S DMS Q . -25.19 8.68 5.11
O DMS Q . -24.75 10.11 4.78
C1 DMS Q . -23.77 7.65 5.38
C2 DMS Q . -25.66 7.87 3.56
S DMS R . -23.94 9.80 11.63
O DMS R . -22.81 10.39 12.38
C1 DMS R . -24.96 11.19 11.10
C2 DMS R . -24.99 9.21 12.98
CL CL S . -26.03 5.75 -0.90
CL CL T . -27.40 10.11 7.97
N1 A1BCF U . -31.19 3.08 0.96
N3 A1BCF U . -34.37 2.09 5.87
C4 A1BCF U . -29.06 4.82 1.34
C5 A1BCF U . -28.99 3.88 0.25
C6 A1BCF U . -32.48 4.06 2.72
C7 A1BCF U . -31.28 3.82 4.96
C8 A1BCF U . -33.71 4.24 4.85
C10 A1BCF U . -35.21 1.02 5.64
O1 A1BCF U . -33.54 4.10 2.12
N2 A1BCF U . -32.45 4.11 4.15
C9 A1BCF U . -34.49 2.95 4.92
S A1BCF U . -35.62 2.51 3.68
C11 A1BCF U . -35.94 1.07 4.52
C2 A1BCF U . -31.21 3.97 1.93
C3 A1BCF U . -30.13 4.88 2.15
O A1BCF U . -28.05 3.79 -0.53
N A1BCF U . -30.08 3.05 0.14
C1 A1BCF U . -30.12 2.01 -0.87
C A1BCF U . -29.84 0.64 -0.30
S DMS V . -30.48 25.96 14.88
O DMS V . -30.69 24.49 15.10
C1 DMS V . -31.78 26.83 15.80
C2 DMS V . -31.13 26.36 13.23
S DMS W . 1.94 9.45 -15.16
O DMS W . 0.99 8.38 -14.69
C1 DMS W . 3.08 8.66 -16.32
C2 DMS W . 1.12 10.45 -16.43
CL CL X . -12.01 4.29 -4.57
CL CL Y . -0.37 10.07 -12.15
S DMS Z . -8.11 6.48 -32.92
O DMS Z . -8.44 5.79 -31.62
C1 DMS Z . -6.31 6.53 -33.09
C2 DMS Z . -8.31 8.28 -32.67
S DMS AA . -4.58 10.46 -13.39
O DMS AA . -4.66 9.00 -13.05
C1 DMS AA . -5.94 10.82 -14.54
C2 DMS AA . -3.25 10.66 -14.60
S DMS BA . 3.77 -2.77 1.08
O DMS BA . 3.36 -1.32 1.21
C1 DMS BA . 2.29 -3.81 1.07
C2 DMS BA . 4.30 -3.39 2.69
N1 A1BCF CA . 8.95 15.22 -13.05
N3 A1BCF CA . 6.01 18.53 -9.17
C4 A1BCF CA . 7.44 13.21 -14.23
C5 A1BCF CA . 8.60 13.70 -14.93
C6 A1BCF CA . 7.64 15.19 -11.04
C7 A1BCF CA . 5.24 15.88 -11.55
C8 A1BCF CA . 6.16 16.06 -9.26
C10 A1BCF CA . 6.78 19.62 -8.85
O1 A1BCF CA . 8.58 15.21 -10.25
N2 A1BCF CA . 6.34 15.63 -10.64
C9 A1BCF CA . 6.71 17.44 -9.02
S A1BCF CA . 8.33 17.69 -8.49
C11 A1BCF CA . 8.04 19.37 -8.47
C2 A1BCF CA . 7.90 14.71 -12.43
C3 A1BCF CA . 7.09 13.69 -13.02
O A1BCF CA . 9.00 13.28 -16.01
N A1BCF CA . 9.27 14.70 -14.27
C1 A1BCF CA . 10.43 15.35 -14.89
C A1BCF CA . 10.11 16.72 -15.41
S DMS DA . 10.66 -21.97 -0.64
O DMS DA . 11.72 -20.95 -0.34
C1 DMS DA . 11.37 -23.60 -0.31
C2 DMS DA . 10.58 -22.20 -2.43
C TRS EA . 4.23 -22.25 -20.45
C1 TRS EA . 3.34 -21.48 -21.45
C2 TRS EA . 3.51 -23.51 -19.97
C3 TRS EA . 5.58 -22.59 -21.07
N TRS EA . 4.46 -21.36 -19.26
O1 TRS EA . 2.13 -21.04 -20.85
O2 TRS EA . 4.24 -24.19 -18.94
O3 TRS EA . 6.33 -21.43 -21.44
S DMS FA . 30.73 -19.51 -1.22
O DMS FA . 29.53 -20.17 -0.63
C1 DMS FA . 30.45 -17.73 -1.04
C2 DMS FA . 30.60 -19.53 -3.03
S DMS GA . 11.48 -16.57 -5.21
O DMS GA . 12.83 -16.25 -5.80
C1 DMS GA . 11.71 -17.09 -3.51
C2 DMS GA . 10.86 -18.16 -5.83
S DMS HA . 23.55 -27.95 -19.97
O DMS HA . 23.22 -28.85 -18.81
C1 DMS HA . 24.32 -26.47 -19.29
C2 DMS HA . 22.04 -27.11 -20.54
CL CL IA . 8.50 -20.15 -3.20
N1 A1BCF JA . 5.15 -22.70 6.49
N3 A1BCF JA . 1.85 -18.04 4.59
C4 A1BCF JA . 7.35 -23.19 4.87
C5 A1BCF JA . 7.41 -23.62 6.24
C6 A1BCF JA . 3.88 -21.74 4.70
C7 A1BCF JA . 4.96 -19.56 4.07
C8 A1BCF JA . 2.62 -20.08 3.42
C10 A1BCF JA . 1.04 -17.66 5.63
O1 A1BCF JA . 2.83 -22.32 4.96
N2 A1BCF JA . 3.90 -20.55 3.94
C9 A1BCF JA . 1.84 -19.34 4.46
S A1BCF JA . 0.85 -20.17 5.61
C11 A1BCF JA . 0.42 -18.66 6.29
C2 A1BCF JA . 5.14 -22.34 5.22
C3 A1BCF JA . 6.27 -22.58 4.35
O A1BCF JA . 8.37 -24.16 6.78
N A1BCF JA . 6.26 -23.34 6.97
C1 A1BCF JA . 6.13 -23.82 8.34
C A1BCF JA . 5.77 -22.72 9.32
#